data_9S2V
#
_entry.id   9S2V
#
_cell.length_a   67.458
_cell.length_b   100.962
_cell.length_c   90.426
_cell.angle_alpha   90.00
_cell.angle_beta   108.33
_cell.angle_gamma   90.00
#
_symmetry.space_group_name_H-M   'P 1 21 1'
#
loop_
_entity.id
_entity.type
_entity.pdbx_description
1 polymer 'Guanine-N7 methyltransferase nsp14'
2 non-polymer 'ZINC ION'
3 non-polymer S-ADENOSYL-L-HOMOCYSTEINE
4 non-polymer ~{N}-[(6-fluoranyl-1-methyl-indazol-7-yl)methyl]-1,5-dimethyl-4-(1,4,6,7-tetrahydropyrazolo[4,3-c]pyridin-5-ylsulfonyl)pyrrole-2-carboxamide
5 non-polymer 'CHLORIDE ION'
6 non-polymer IMIDAZOLE
7 water water
#
_entity_poly.entity_id   1
_entity_poly.type   'polypeptide(L)'
_entity_poly.pdbx_seq_one_letter_code
;SAENVTGLFKDCSKVITGLHPTQAPTHLSVDTKFKTEGLCVDIPGIPKDMTYRRLISMMGFKMNYQVNGYPNMFITREEA
IRHVRAWIGFAVAGCHATREAVGTNLPLQLGFSTGVNLVAVPTGYVDTPNNTDFSRVSAKPPPGDQFKHLIPLMYKGLPW
NVVRIKIVQMLSDTLKNLSDRVVFVLWAHGFELTSMKYFVKIGPERTCCLCDRRATCFSTASDTYACWHHSIGFDYVYNP
FMIDVQQWGFTGNLQSNHDLYCQVHGNAHVASCDAIMTRCLAVHECFVKRVDWTIEYPIIGDELKINAACRKVQHMVVKA
ALLADKFPVLHDIGNPKAIKCVPQADVEWKFYDAQPCSDKAYKIEELFYSYATHSDKFTDGVCLFWNCNVDRYPANSIVC
RFDTRVLSNLNLPGCDGGSLYVNKHAFHTPAFDKSAFVNLKQLPFFYYSDSPCESHGKQVVSDIDYVPLKSATCITRCNL
GGAVCRHHANEYRLYLDAYNMMISAGFSLWVYKQFDTYNLWNTFTRLQ
;
_entity_poly.pdbx_strand_id   A,B
#
# COMPACT_ATOMS: atom_id res chain seq x y z
N THR A 26 -23.30 -6.29 32.82
CA THR A 26 -24.12 -5.40 31.95
C THR A 26 -24.34 -6.08 30.60
N HIS A 27 -25.39 -5.66 29.90
CA HIS A 27 -25.66 -5.90 28.45
C HIS A 27 -26.66 -4.84 27.97
N LEU A 28 -26.88 -4.74 26.67
CA LEU A 28 -27.93 -3.86 26.11
C LEU A 28 -29.28 -4.55 26.35
N SER A 29 -30.11 -3.97 27.25
CA SER A 29 -31.50 -4.41 27.55
C SER A 29 -32.29 -4.53 26.25
N VAL A 30 -32.98 -5.65 26.05
CA VAL A 30 -33.85 -5.90 24.86
C VAL A 30 -34.98 -4.85 24.83
N ASP A 31 -35.30 -4.23 25.98
CA ASP A 31 -36.40 -3.24 26.14
C ASP A 31 -35.94 -1.82 25.80
N THR A 32 -34.63 -1.60 25.57
CA THR A 32 -34.07 -0.30 25.09
C THR A 32 -34.83 0.10 23.81
N LYS A 33 -35.16 1.39 23.65
CA LYS A 33 -35.86 1.90 22.45
C LYS A 33 -34.92 1.77 21.24
N PHE A 34 -35.50 1.48 20.06
CA PHE A 34 -34.81 1.38 18.75
C PHE A 34 -35.45 2.41 17.81
N LYS A 35 -34.74 3.50 17.51
CA LYS A 35 -35.20 4.54 16.55
C LYS A 35 -35.40 3.90 15.18
N THR A 36 -36.57 4.13 14.54
CA THR A 36 -36.99 3.50 13.27
C THR A 36 -36.89 4.49 12.09
N GLU A 37 -36.39 5.72 12.31
CA GLU A 37 -36.35 6.81 11.29
C GLU A 37 -35.50 6.38 10.09
N GLY A 38 -34.40 5.68 10.33
CA GLY A 38 -33.47 5.20 9.28
C GLY A 38 -34.03 4.07 8.43
N LEU A 39 -35.07 3.37 8.89
CA LEU A 39 -35.65 2.19 8.17
C LEU A 39 -36.47 2.68 6.99
N CYS A 40 -36.18 2.18 5.78
CA CYS A 40 -36.88 2.46 4.49
C CYS A 40 -38.41 2.43 4.66
N VAL A 41 -39.12 3.21 3.83
CA VAL A 41 -40.59 3.45 3.83
C VAL A 41 -41.37 2.12 3.78
N ASP A 42 -40.79 1.08 3.17
CA ASP A 42 -41.29 -0.33 3.10
C ASP A 42 -41.66 -0.85 4.49
N ILE A 43 -40.80 -0.64 5.50
CA ILE A 43 -40.85 -1.34 6.83
C ILE A 43 -41.67 -0.50 7.81
N PRO A 44 -42.73 -1.07 8.46
CA PRO A 44 -43.63 -0.28 9.31
C PRO A 44 -43.12 -0.03 10.73
N GLY A 45 -43.85 0.77 11.49
CA GLY A 45 -43.65 1.02 12.94
C GLY A 45 -44.78 0.42 13.78
N ILE A 46 -46.05 0.62 13.36
CA ILE A 46 -47.32 0.31 14.08
C ILE A 46 -47.53 1.43 15.12
N PRO A 47 -47.14 1.32 16.42
CA PRO A 47 -46.57 2.48 17.13
C PRO A 47 -45.05 2.54 16.92
N LYS A 48 -44.53 3.70 16.50
CA LYS A 48 -43.11 3.91 16.10
C LYS A 48 -42.17 3.86 17.33
N ASP A 49 -42.69 3.81 18.56
CA ASP A 49 -41.91 3.50 19.79
C ASP A 49 -41.68 1.98 19.86
N MET A 50 -40.73 1.47 19.06
CA MET A 50 -40.30 0.04 18.97
C MET A 50 -39.12 -0.21 19.91
N THR A 51 -38.83 -1.48 20.24
CA THR A 51 -37.69 -1.94 21.08
C THR A 51 -36.88 -3.04 20.36
N TYR A 52 -35.78 -3.49 20.96
CA TYR A 52 -34.92 -4.58 20.44
C TYR A 52 -35.68 -5.90 20.59
N ARG A 53 -36.37 -6.11 21.72
CA ARG A 53 -37.27 -7.28 21.99
C ARG A 53 -38.19 -7.50 20.77
N ARG A 54 -38.81 -6.41 20.27
CA ARG A 54 -39.83 -6.46 19.19
C ARG A 54 -39.13 -6.57 17.82
N LEU A 55 -37.99 -5.89 17.64
CA LEU A 55 -37.20 -5.90 16.37
C LEU A 55 -36.68 -7.33 16.12
N ILE A 56 -36.07 -7.94 17.15
CA ILE A 56 -35.54 -9.32 17.12
C ILE A 56 -36.68 -10.27 16.72
N SER A 57 -37.86 -10.08 17.33
CA SER A 57 -39.10 -10.83 17.03
C SER A 57 -39.51 -10.61 15.57
N MET A 58 -39.56 -9.36 15.13
CA MET A 58 -39.92 -9.02 13.73
C MET A 58 -38.89 -9.59 12.75
N MET A 59 -37.63 -9.75 13.16
CA MET A 59 -36.55 -10.38 12.34
C MET A 59 -36.75 -11.90 12.23
N GLY A 60 -37.52 -12.51 13.15
CA GLY A 60 -37.94 -13.92 13.11
C GLY A 60 -37.11 -14.79 14.02
N PHE A 61 -36.75 -14.28 15.21
CA PHE A 61 -35.86 -14.93 16.19
C PHE A 61 -36.54 -14.98 17.57
N LYS A 62 -36.53 -16.16 18.20
CA LYS A 62 -37.19 -16.44 19.50
C LYS A 62 -36.14 -16.28 20.60
N MET A 63 -36.28 -15.25 21.44
CA MET A 63 -35.23 -14.74 22.36
C MET A 63 -35.42 -15.30 23.78
N ASN A 64 -35.17 -16.61 23.96
CA ASN A 64 -35.41 -17.36 25.22
C ASN A 64 -34.09 -17.61 25.98
N TYR A 65 -32.98 -16.99 25.56
CA TYR A 65 -31.60 -17.48 25.83
C TYR A 65 -30.84 -16.53 26.77
N GLN A 66 -31.57 -15.76 27.57
CA GLN A 66 -31.02 -14.65 28.41
C GLN A 66 -30.28 -15.27 29.61
N VAL A 67 -30.80 -16.37 30.16
CA VAL A 67 -30.17 -17.17 31.26
C VAL A 67 -28.86 -17.78 30.75
N ASN A 68 -28.76 -18.10 29.44
CA ASN A 68 -27.68 -18.94 28.82
C ASN A 68 -26.73 -18.08 27.98
N GLY A 69 -26.40 -16.87 28.46
CA GLY A 69 -25.29 -16.01 27.97
C GLY A 69 -25.53 -15.38 26.61
N TYR A 70 -26.79 -15.21 26.19
CA TYR A 70 -27.15 -14.53 24.92
C TYR A 70 -28.39 -13.68 25.15
N PRO A 71 -28.29 -12.61 25.97
CA PRO A 71 -29.45 -11.80 26.34
C PRO A 71 -29.93 -10.85 25.22
N ASN A 72 -29.09 -10.56 24.23
CA ASN A 72 -29.43 -9.61 23.13
C ASN A 72 -28.50 -9.85 21.93
N MET A 73 -29.07 -9.90 20.72
CA MET A 73 -28.32 -9.93 19.43
C MET A 73 -27.56 -8.61 19.26
N PHE A 74 -28.13 -7.51 19.73
CA PHE A 74 -27.54 -6.16 19.67
C PHE A 74 -26.76 -5.93 20.96
N ILE A 75 -25.66 -5.18 20.87
CA ILE A 75 -24.72 -4.93 21.98
C ILE A 75 -24.50 -3.43 22.13
N THR A 76 -23.99 -3.00 23.28
CA THR A 76 -23.61 -1.60 23.57
C THR A 76 -22.39 -1.21 22.73
N ARG A 77 -22.23 0.07 22.43
CA ARG A 77 -21.01 0.65 21.81
C ARG A 77 -19.77 0.16 22.58
N GLU A 78 -19.81 0.21 23.91
CA GLU A 78 -18.68 -0.19 24.77
C GLU A 78 -18.35 -1.67 24.54
N GLU A 79 -19.35 -2.55 24.42
CA GLU A 79 -19.13 -3.99 24.16
C GLU A 79 -18.53 -4.14 22.76
N ALA A 80 -19.10 -3.48 21.76
CA ALA A 80 -18.57 -3.41 20.37
C ALA A 80 -17.09 -3.02 20.38
N ILE A 81 -16.70 -1.99 21.14
CA ILE A 81 -15.30 -1.46 21.12
C ILE A 81 -14.37 -2.59 21.62
N ARG A 82 -14.78 -3.30 22.67
CA ARG A 82 -14.01 -4.42 23.25
C ARG A 82 -13.85 -5.53 22.21
N HIS A 83 -14.82 -5.69 21.30
CA HIS A 83 -14.87 -6.76 20.27
C HIS A 83 -14.59 -6.20 18.86
N VAL A 84 -13.71 -5.20 18.74
CA VAL A 84 -13.46 -4.48 17.46
C VAL A 84 -12.88 -5.45 16.42
N ARG A 85 -12.09 -6.43 16.86
CA ARG A 85 -11.50 -7.46 15.97
C ARG A 85 -12.58 -8.29 15.26
N ALA A 86 -13.79 -8.37 15.83
CA ALA A 86 -14.95 -9.10 15.30
C ALA A 86 -15.79 -8.28 14.32
N TRP A 87 -15.49 -6.98 14.12
CA TRP A 87 -16.32 -6.05 13.31
C TRP A 87 -16.29 -6.46 11.83
N ILE A 88 -17.48 -6.75 11.29
CA ILE A 88 -17.70 -6.96 9.83
C ILE A 88 -18.86 -6.05 9.44
N GLY A 89 -18.58 -5.02 8.65
CA GLY A 89 -19.64 -4.25 7.97
C GLY A 89 -20.55 -5.19 7.20
N PHE A 90 -21.86 -5.05 7.39
CA PHE A 90 -22.90 -5.80 6.65
C PHE A 90 -23.96 -4.81 6.13
N ALA A 91 -24.19 -4.84 4.82
CA ALA A 91 -25.31 -4.12 4.17
C ALA A 91 -25.95 -5.01 3.11
N VAL A 92 -27.21 -4.71 2.78
CA VAL A 92 -28.03 -5.38 1.74
C VAL A 92 -28.54 -4.29 0.79
N ALA A 93 -28.37 -4.49 -0.52
CA ALA A 93 -28.89 -3.58 -1.58
C ALA A 93 -30.20 -4.18 -2.14
N GLY A 94 -30.11 -5.13 -3.07
CA GLY A 94 -31.26 -5.81 -3.69
C GLY A 94 -31.97 -4.92 -4.69
N LEU A 106 -37.99 -11.63 -4.31
CA LEU A 106 -37.05 -10.89 -5.20
C LEU A 106 -35.62 -11.02 -4.65
N PRO A 107 -34.58 -10.86 -5.50
CA PRO A 107 -33.20 -11.17 -5.11
C PRO A 107 -32.56 -10.05 -4.25
N LEU A 108 -31.83 -10.45 -3.21
CA LEU A 108 -31.08 -9.56 -2.29
C LEU A 108 -29.59 -9.63 -2.64
N GLN A 109 -28.92 -8.48 -2.70
CA GLN A 109 -27.43 -8.42 -2.73
C GLN A 109 -26.95 -8.24 -1.28
N LEU A 110 -26.21 -9.21 -0.77
CA LEU A 110 -25.54 -9.15 0.56
C LEU A 110 -24.10 -8.74 0.33
N GLY A 111 -23.64 -7.70 1.04
CA GLY A 111 -22.26 -7.19 0.98
C GLY A 111 -21.63 -7.07 2.36
N PHE A 112 -20.32 -7.28 2.44
CA PHE A 112 -19.53 -7.31 3.70
C PHE A 112 -18.30 -6.40 3.55
N SER A 113 -17.74 -5.96 4.67
CA SER A 113 -16.57 -5.05 4.72
C SER A 113 -15.33 -5.75 4.15
N THR A 114 -15.36 -7.07 3.98
CA THR A 114 -14.30 -7.89 3.31
C THR A 114 -14.28 -7.66 1.80
N GLY A 115 -15.27 -6.98 1.22
CA GLY A 115 -15.38 -6.73 -0.23
C GLY A 115 -16.28 -7.73 -0.94
N VAL A 116 -16.67 -8.82 -0.26
CA VAL A 116 -17.53 -9.88 -0.86
C VAL A 116 -18.94 -9.32 -1.05
N ASN A 117 -19.54 -9.61 -2.22
CA ASN A 117 -20.97 -9.40 -2.56
C ASN A 117 -21.51 -10.75 -3.03
N LEU A 118 -22.62 -11.20 -2.42
CA LEU A 118 -23.37 -12.43 -2.77
C LEU A 118 -24.80 -12.01 -3.10
N VAL A 119 -25.36 -12.50 -4.20
CA VAL A 119 -26.78 -12.29 -4.59
C VAL A 119 -27.54 -13.61 -4.34
N ALA A 120 -28.56 -13.57 -3.48
CA ALA A 120 -29.37 -14.74 -3.05
C ALA A 120 -30.72 -14.74 -3.79
N VAL A 121 -30.93 -15.72 -4.67
CA VAL A 121 -32.23 -15.99 -5.38
C VAL A 121 -33.10 -16.84 -4.44
N PRO A 122 -34.29 -16.35 -4.01
CA PRO A 122 -35.20 -17.15 -3.19
C PRO A 122 -36.07 -18.12 -3.98
N THR A 123 -36.54 -19.19 -3.34
CA THR A 123 -37.49 -20.20 -3.92
C THR A 123 -38.87 -19.54 -4.09
N GLY A 124 -39.63 -19.95 -5.11
CA GLY A 124 -40.97 -19.42 -5.41
C GLY A 124 -41.70 -20.24 -6.48
N GLY A 157 -27.22 -14.19 -9.50
CA GLY A 157 -28.21 -15.05 -8.82
C GLY A 157 -27.60 -16.36 -8.34
N LEU A 158 -28.02 -16.84 -7.16
CA LEU A 158 -27.41 -18.02 -6.47
C LEU A 158 -28.30 -18.45 -5.31
N PRO A 159 -28.57 -19.76 -5.11
CA PRO A 159 -29.50 -20.20 -4.08
C PRO A 159 -28.96 -20.03 -2.65
N TRP A 160 -29.87 -19.91 -1.69
CA TRP A 160 -29.59 -19.57 -0.27
C TRP A 160 -28.74 -20.65 0.40
N ASN A 161 -28.92 -21.92 0.05
CA ASN A 161 -28.14 -23.06 0.61
C ASN A 161 -26.66 -22.86 0.30
N VAL A 162 -26.35 -22.27 -0.86
CA VAL A 162 -24.96 -22.03 -1.35
C VAL A 162 -24.43 -20.74 -0.74
N VAL A 163 -25.25 -19.68 -0.71
CA VAL A 163 -24.92 -18.35 -0.10
C VAL A 163 -24.53 -18.53 1.37
N ARG A 164 -25.36 -19.22 2.16
CA ARG A 164 -25.16 -19.36 3.63
C ARG A 164 -23.85 -20.11 3.90
N ILE A 165 -23.50 -21.10 3.06
CA ILE A 165 -22.20 -21.84 3.15
C ILE A 165 -21.05 -20.86 2.88
N LYS A 166 -21.19 -19.97 1.89
CA LYS A 166 -20.13 -19.01 1.49
C LYS A 166 -19.94 -17.95 2.60
N ILE A 167 -21.04 -17.46 3.17
CA ILE A 167 -20.98 -16.43 4.26
C ILE A 167 -20.18 -17.00 5.42
N VAL A 168 -20.46 -18.25 5.81
CA VAL A 168 -19.75 -18.93 6.93
C VAL A 168 -18.27 -19.08 6.54
N GLN A 169 -17.96 -19.47 5.30
CA GLN A 169 -16.56 -19.65 4.83
C GLN A 169 -15.79 -18.33 4.96
N MET A 170 -16.36 -17.25 4.44
CA MET A 170 -15.73 -15.90 4.44
C MET A 170 -15.49 -15.44 5.89
N LEU A 171 -16.48 -15.54 6.77
CA LEU A 171 -16.37 -15.04 8.18
C LEU A 171 -15.30 -15.86 8.91
N SER A 172 -15.29 -17.19 8.72
CA SER A 172 -14.28 -18.11 9.29
C SER A 172 -12.87 -17.69 8.85
N ASP A 173 -12.67 -17.42 7.56
CA ASP A 173 -11.34 -17.13 6.98
C ASP A 173 -10.86 -15.77 7.51
N THR A 174 -11.78 -14.82 7.64
CA THR A 174 -11.49 -13.44 8.10
C THR A 174 -11.21 -13.42 9.60
N LEU A 175 -11.98 -14.17 10.40
CA LEU A 175 -12.08 -13.92 11.87
C LEU A 175 -11.33 -14.97 12.69
N LYS A 176 -10.99 -16.13 12.13
CA LYS A 176 -10.45 -17.30 12.90
C LYS A 176 -9.27 -16.86 13.78
N ASN A 177 -8.38 -16.00 13.27
CA ASN A 177 -7.13 -15.58 13.98
C ASN A 177 -7.31 -14.21 14.66
N LEU A 178 -8.51 -13.62 14.65
CA LEU A 178 -8.81 -12.27 15.21
C LEU A 178 -9.74 -12.37 16.43
N SER A 179 -10.81 -13.17 16.35
CA SER A 179 -11.91 -13.10 17.34
C SER A 179 -12.60 -14.44 17.54
N ASP A 180 -13.33 -14.54 18.65
CA ASP A 180 -14.15 -15.70 19.05
C ASP A 180 -15.59 -15.49 18.59
N ARG A 181 -15.88 -14.40 17.88
CA ARG A 181 -17.26 -14.05 17.44
C ARG A 181 -17.24 -13.18 16.19
N VAL A 182 -18.42 -12.74 15.77
CA VAL A 182 -18.63 -11.69 14.74
C VAL A 182 -19.57 -10.63 15.32
N VAL A 183 -19.25 -9.35 15.09
CA VAL A 183 -20.14 -8.19 15.33
C VAL A 183 -20.48 -7.61 13.95
N PHE A 184 -21.70 -7.85 13.47
CA PHE A 184 -22.18 -7.22 12.22
C PHE A 184 -22.39 -5.74 12.49
N VAL A 185 -21.66 -4.89 11.77
CA VAL A 185 -21.79 -3.40 11.86
C VAL A 185 -22.78 -2.98 10.77
N LEU A 186 -23.83 -2.25 11.16
CA LEU A 186 -25.02 -1.96 10.33
C LEU A 186 -25.25 -0.44 10.28
N TRP A 187 -25.65 0.04 9.10
CA TRP A 187 -26.46 1.28 8.91
C TRP A 187 -27.84 0.80 8.45
N ALA A 188 -28.69 0.47 9.41
CA ALA A 188 -29.87 -0.43 9.23
C ALA A 188 -31.04 0.31 8.56
N HIS A 189 -31.32 -0.05 7.30
CA HIS A 189 -32.48 0.41 6.47
C HIS A 189 -33.66 -0.58 6.54
N GLY A 190 -33.47 -1.77 7.13
CA GLY A 190 -34.54 -2.76 7.37
C GLY A 190 -34.28 -4.09 6.67
N PHE A 191 -33.92 -4.06 5.38
CA PHE A 191 -33.77 -5.27 4.53
C PHE A 191 -32.66 -6.18 5.09
N GLU A 192 -31.55 -5.63 5.58
CA GLU A 192 -30.39 -6.41 6.10
C GLU A 192 -30.79 -7.15 7.38
N LEU A 193 -31.67 -6.60 8.22
CA LEU A 193 -32.21 -7.31 9.40
C LEU A 193 -33.13 -8.45 8.92
N THR A 194 -33.97 -8.16 7.92
CA THR A 194 -34.92 -9.12 7.31
C THR A 194 -34.16 -10.34 6.76
N SER A 195 -32.95 -10.16 6.23
CA SER A 195 -32.17 -11.22 5.55
C SER A 195 -31.60 -12.23 6.55
N MET A 196 -31.38 -11.83 7.81
CA MET A 196 -30.53 -12.61 8.75
C MET A 196 -31.14 -13.98 9.03
N LYS A 197 -32.46 -14.07 9.12
CA LYS A 197 -33.19 -15.36 9.35
C LYS A 197 -32.80 -16.43 8.31
N TYR A 198 -32.30 -16.04 7.13
CA TYR A 198 -31.85 -16.94 6.03
C TYR A 198 -30.44 -17.50 6.26
N PHE A 199 -29.57 -16.91 7.11
CA PHE A 199 -28.21 -17.45 7.38
C PHE A 199 -27.80 -17.44 8.86
N VAL A 200 -28.68 -17.00 9.77
CA VAL A 200 -28.37 -16.86 11.21
C VAL A 200 -29.30 -17.77 12.01
N LYS A 201 -28.73 -18.48 12.98
CA LYS A 201 -29.45 -19.24 14.02
C LYS A 201 -29.03 -18.67 15.37
N ILE A 202 -29.98 -18.48 16.29
CA ILE A 202 -29.64 -18.12 17.69
C ILE A 202 -30.02 -19.27 18.62
N GLY A 203 -29.36 -19.31 19.77
CA GLY A 203 -29.62 -20.32 20.80
C GLY A 203 -28.77 -20.06 22.04
N PRO A 204 -28.62 -21.04 22.93
CA PRO A 204 -27.79 -20.85 24.11
C PRO A 204 -26.33 -20.77 23.64
N GLU A 205 -25.47 -20.12 24.42
CA GLU A 205 -24.01 -20.11 24.18
C GLU A 205 -23.55 -21.56 24.27
N ARG A 206 -22.63 -21.96 23.38
CA ARG A 206 -22.09 -23.33 23.26
C ARG A 206 -20.59 -23.29 22.98
N THR A 207 -19.90 -24.38 23.28
CA THR A 207 -18.52 -24.60 22.79
C THR A 207 -18.61 -25.35 21.46
N CYS A 208 -17.54 -25.30 20.68
CA CYS A 208 -17.32 -26.07 19.44
C CYS A 208 -17.35 -27.56 19.80
N CYS A 209 -17.83 -28.41 18.90
CA CYS A 209 -17.94 -29.88 19.16
C CYS A 209 -16.52 -30.48 19.09
N LEU A 210 -15.54 -29.79 18.47
CA LEU A 210 -14.09 -30.23 18.40
C LEU A 210 -13.14 -29.43 19.33
N CYS A 211 -13.49 -28.25 19.87
CA CYS A 211 -12.65 -27.44 20.81
C CYS A 211 -13.39 -26.96 22.05
N ASP A 212 -12.64 -26.29 22.93
CA ASP A 212 -13.10 -25.41 24.03
C ASP A 212 -13.51 -24.00 23.53
N ARG A 213 -13.15 -23.61 22.31
CA ARG A 213 -13.58 -22.33 21.66
C ARG A 213 -15.12 -22.21 21.64
N ARG A 214 -15.62 -20.99 21.79
CA ARG A 214 -17.06 -20.64 21.69
C ARG A 214 -17.53 -21.03 20.28
N ALA A 215 -18.79 -21.47 20.15
CA ALA A 215 -19.40 -21.87 18.85
C ALA A 215 -19.85 -20.62 18.10
N THR A 216 -19.48 -20.52 16.83
CA THR A 216 -19.85 -19.39 15.94
C THR A 216 -20.67 -19.88 14.77
N CYS A 217 -20.78 -21.19 14.58
CA CYS A 217 -21.32 -21.84 13.34
C CYS A 217 -22.15 -23.06 13.71
N PHE A 218 -23.15 -23.35 12.87
CA PHE A 218 -24.04 -24.52 12.99
C PHE A 218 -24.12 -25.22 11.63
N SER A 219 -24.16 -26.55 11.68
CA SER A 219 -24.36 -27.48 10.53
C SER A 219 -25.70 -28.18 10.71
N THR A 220 -26.69 -27.79 9.89
CA THR A 220 -28.02 -28.44 9.79
C THR A 220 -27.86 -29.94 9.50
N ALA A 221 -26.99 -30.30 8.55
CA ALA A 221 -26.71 -31.70 8.11
C ALA A 221 -26.44 -32.62 9.30
N SER A 222 -25.74 -32.13 10.33
CA SER A 222 -25.21 -32.94 11.44
C SER A 222 -25.68 -32.46 12.83
N ASP A 223 -26.48 -31.40 12.94
CA ASP A 223 -26.83 -30.78 14.25
C ASP A 223 -25.56 -30.54 15.08
N THR A 224 -24.46 -30.07 14.48
CA THR A 224 -23.18 -29.80 15.22
C THR A 224 -22.80 -28.32 15.16
N TYR A 225 -22.03 -27.89 16.15
CA TYR A 225 -21.55 -26.50 16.32
C TYR A 225 -20.03 -26.46 16.18
N ALA A 226 -19.53 -25.42 15.49
CA ALA A 226 -18.08 -25.19 15.30
C ALA A 226 -17.72 -23.74 15.63
N CYS A 227 -16.47 -23.55 16.08
CA CYS A 227 -15.70 -22.29 16.06
C CYS A 227 -15.35 -21.95 14.60
N TRP A 228 -14.65 -20.83 14.37
CA TRP A 228 -14.22 -20.34 13.03
C TRP A 228 -13.15 -21.26 12.42
N HIS A 229 -12.42 -22.02 13.23
CA HIS A 229 -11.34 -22.95 12.78
C HIS A 229 -11.91 -24.26 12.24
N HIS A 230 -13.08 -24.69 12.74
CA HIS A 230 -13.60 -26.08 12.60
C HIS A 230 -14.91 -26.09 11.79
N SER A 231 -15.13 -25.08 10.94
CA SER A 231 -16.45 -24.73 10.37
C SER A 231 -16.60 -25.19 8.92
N ILE A 232 -15.66 -25.96 8.36
CA ILE A 232 -15.76 -26.30 6.91
C ILE A 232 -17.09 -27.05 6.66
N GLY A 233 -17.85 -26.58 5.68
CA GLY A 233 -19.14 -27.16 5.27
C GLY A 233 -20.33 -26.61 6.08
N PHE A 234 -20.10 -25.85 7.16
CA PHE A 234 -21.18 -25.38 8.06
C PHE A 234 -21.96 -24.26 7.35
N ASP A 235 -23.27 -24.17 7.61
CA ASP A 235 -24.21 -23.37 6.78
C ASP A 235 -24.87 -22.22 7.58
N TYR A 236 -24.89 -22.23 8.91
CA TYR A 236 -25.50 -21.11 9.70
C TYR A 236 -24.44 -20.41 10.58
N VAL A 237 -24.41 -19.08 10.50
CA VAL A 237 -23.72 -18.21 11.49
C VAL A 237 -24.53 -18.31 12.77
N TYR A 238 -23.93 -18.73 13.89
CA TYR A 238 -24.61 -19.01 15.17
C TYR A 238 -24.29 -17.90 16.17
N ASN A 239 -25.31 -17.27 16.76
CA ASN A 239 -25.19 -16.21 17.79
C ASN A 239 -24.19 -15.16 17.32
N PRO A 240 -24.42 -14.47 16.18
CA PRO A 240 -23.65 -13.29 15.85
C PRO A 240 -24.12 -12.15 16.75
N PHE A 241 -23.25 -11.16 16.97
CA PHE A 241 -23.63 -9.89 17.60
C PHE A 241 -23.73 -8.88 16.47
N MET A 242 -24.45 -7.79 16.72
CA MET A 242 -24.61 -6.71 15.73
C MET A 242 -24.76 -5.37 16.44
N ILE A 243 -24.46 -4.31 15.72
CA ILE A 243 -24.66 -2.93 16.23
C ILE A 243 -25.17 -2.11 15.05
N ASP A 244 -26.18 -1.27 15.28
CA ASP A 244 -26.73 -0.33 14.27
C ASP A 244 -26.15 1.05 14.57
N VAL A 245 -25.28 1.53 13.67
CA VAL A 245 -24.56 2.84 13.79
C VAL A 245 -25.59 3.98 13.80
N GLN A 246 -26.76 3.80 13.16
CA GLN A 246 -27.84 4.83 13.11
C GLN A 246 -28.41 5.13 14.51
N GLN A 247 -28.26 4.25 15.50
CA GLN A 247 -28.71 4.49 16.90
C GLN A 247 -27.77 5.47 17.62
N TRP A 248 -26.66 5.87 17.01
CA TRP A 248 -25.57 6.60 17.71
C TRP A 248 -25.78 8.12 17.62
N GLY A 249 -26.91 8.58 17.09
CA GLY A 249 -27.32 9.99 17.12
C GLY A 249 -26.83 10.76 15.91
N PHE A 250 -26.63 10.08 14.78
CA PHE A 250 -26.21 10.70 13.49
C PHE A 250 -27.43 11.33 12.83
N THR A 251 -27.22 12.27 11.91
CA THR A 251 -28.28 12.81 10.99
C THR A 251 -27.82 12.60 9.54
N GLY A 252 -28.75 12.66 8.59
CA GLY A 252 -28.45 12.42 7.17
C GLY A 252 -28.16 10.96 6.91
N ASN A 253 -27.62 10.66 5.74
CA ASN A 253 -27.39 9.27 5.24
C ASN A 253 -25.96 8.84 5.60
N LEU A 254 -25.64 7.57 5.32
CA LEU A 254 -24.34 6.93 5.62
C LEU A 254 -23.21 7.69 4.92
N GLN A 255 -23.34 7.92 3.61
CA GLN A 255 -22.28 8.56 2.77
C GLN A 255 -21.95 9.96 3.30
N SER A 256 -22.95 10.79 3.61
CA SER A 256 -22.75 12.17 4.12
C SER A 256 -21.89 12.14 5.39
N ASN A 257 -22.04 11.12 6.24
CA ASN A 257 -21.30 11.00 7.52
C ASN A 257 -19.91 10.39 7.30
N HIS A 258 -19.82 9.32 6.49
CA HIS A 258 -18.56 8.60 6.20
C HIS A 258 -17.56 9.56 5.55
N ASP A 259 -18.00 10.27 4.50
CA ASP A 259 -17.18 11.16 3.64
C ASP A 259 -16.59 12.34 4.43
N LEU A 260 -17.08 12.66 5.64
CA LEU A 260 -16.51 13.76 6.47
C LEU A 260 -15.07 13.44 6.89
N TYR A 261 -14.75 12.16 7.09
CA TYR A 261 -13.51 11.72 7.77
C TYR A 261 -12.65 10.84 6.89
N CYS A 262 -13.06 10.54 5.64
CA CYS A 262 -12.45 9.50 4.79
C CYS A 262 -12.77 9.76 3.32
N GLN A 263 -11.75 9.86 2.46
CA GLN A 263 -11.87 10.05 0.98
C GLN A 263 -11.55 8.75 0.23
N VAL A 264 -11.16 7.70 0.96
CA VAL A 264 -10.50 6.47 0.43
C VAL A 264 -11.56 5.40 0.07
N HIS A 265 -12.75 5.47 0.66
CA HIS A 265 -13.85 4.50 0.41
C HIS A 265 -14.91 5.16 -0.48
N GLY A 266 -15.04 4.67 -1.73
CA GLY A 266 -15.96 5.19 -2.75
C GLY A 266 -17.39 4.72 -2.50
N ASN A 267 -18.31 5.18 -3.35
CA ASN A 267 -19.78 5.14 -3.16
C ASN A 267 -20.44 4.25 -4.24
N ALA A 268 -19.64 3.52 -5.03
CA ALA A 268 -20.10 2.50 -6.02
C ALA A 268 -21.26 1.70 -5.42
N HIS A 269 -22.34 1.51 -6.19
CA HIS A 269 -23.71 1.22 -5.70
C HIS A 269 -23.83 -0.20 -5.10
N VAL A 270 -22.77 -1.03 -5.12
CA VAL A 270 -22.81 -2.40 -4.51
C VAL A 270 -22.95 -2.28 -2.99
N ALA A 271 -23.43 -3.36 -2.37
CA ALA A 271 -23.71 -3.46 -0.91
C ALA A 271 -22.41 -3.45 -0.10
N SER A 272 -21.35 -4.10 -0.60
CA SER A 272 -20.04 -4.18 0.10
C SER A 272 -19.49 -2.78 0.42
N CYS A 273 -19.75 -1.79 -0.44
CA CYS A 273 -19.23 -0.39 -0.29
C CYS A 273 -19.96 0.31 0.86
N ASP A 274 -21.25 0.04 1.02
CA ASP A 274 -22.03 0.51 2.21
C ASP A 274 -21.47 -0.18 3.46
N ALA A 275 -21.22 -1.48 3.39
CA ALA A 275 -20.69 -2.30 4.51
C ALA A 275 -19.33 -1.73 4.94
N ILE A 276 -18.45 -1.42 3.97
CA ILE A 276 -17.08 -0.89 4.21
C ILE A 276 -17.17 0.51 4.84
N MET A 277 -18.03 1.38 4.30
CA MET A 277 -18.23 2.79 4.80
C MET A 277 -18.76 2.78 6.24
N THR A 278 -19.63 1.83 6.59
CA THR A 278 -20.29 1.77 7.93
C THR A 278 -19.27 1.40 9.00
N ARG A 279 -18.46 0.37 8.71
CA ARG A 279 -17.36 -0.07 9.61
C ARG A 279 -16.36 1.08 9.73
N CYS A 280 -15.97 1.70 8.62
CA CYS A 280 -15.03 2.85 8.62
C CYS A 280 -15.59 3.94 9.55
N LEU A 281 -16.84 4.34 9.37
CA LEU A 281 -17.50 5.38 10.20
C LEU A 281 -17.43 4.97 11.67
N ALA A 282 -17.76 3.71 11.98
CA ALA A 282 -17.81 3.21 13.37
C ALA A 282 -16.40 3.26 13.96
N VAL A 283 -15.40 2.85 13.17
CA VAL A 283 -13.96 2.90 13.56
C VAL A 283 -13.61 4.37 13.86
N HIS A 284 -14.09 5.31 13.04
CA HIS A 284 -13.85 6.76 13.24
C HIS A 284 -14.43 7.19 14.61
N GLU A 285 -15.70 6.91 14.87
CA GLU A 285 -16.44 7.37 16.09
C GLU A 285 -15.76 6.83 17.37
N CYS A 286 -15.22 5.62 17.33
CA CYS A 286 -14.80 4.86 18.54
C CYS A 286 -13.29 4.88 18.80
N PHE A 287 -12.45 5.18 17.80
CA PHE A 287 -10.97 5.04 17.91
C PHE A 287 -10.17 6.28 17.49
N VAL A 288 -10.63 7.12 16.56
CA VAL A 288 -9.77 8.18 15.96
C VAL A 288 -9.49 9.32 16.95
N LYS A 289 -10.42 9.67 17.85
CA LYS A 289 -10.27 10.84 18.76
C LYS A 289 -9.08 10.62 19.71
N ARG A 290 -8.98 9.47 20.38
CA ARG A 290 -7.95 9.24 21.44
C ARG A 290 -7.77 7.75 21.76
N VAL A 291 -6.70 7.45 22.48
CA VAL A 291 -6.39 6.11 23.04
C VAL A 291 -7.18 5.97 24.34
N ASP A 292 -8.00 4.92 24.43
CA ASP A 292 -8.65 4.54 25.70
C ASP A 292 -7.69 3.62 26.45
N TRP A 293 -7.01 4.13 27.47
CA TRP A 293 -6.03 3.34 28.26
C TRP A 293 -6.74 2.34 29.18
N THR A 294 -8.06 2.42 29.33
CA THR A 294 -8.84 1.56 30.28
C THR A 294 -9.25 0.24 29.61
N ILE A 295 -9.21 0.17 28.27
CA ILE A 295 -9.65 -1.03 27.50
C ILE A 295 -8.41 -1.75 26.97
N GLU A 296 -8.27 -3.02 27.38
CA GLU A 296 -7.17 -3.94 27.01
C GLU A 296 -7.74 -5.04 26.11
N TYR A 297 -6.95 -5.51 25.16
CA TYR A 297 -7.33 -6.52 24.16
C TYR A 297 -6.49 -7.76 24.36
N PRO A 298 -7.06 -8.97 24.20
CA PRO A 298 -6.29 -10.20 24.41
C PRO A 298 -5.13 -10.34 23.42
N ILE A 299 -4.16 -11.18 23.79
CA ILE A 299 -2.97 -11.59 22.98
C ILE A 299 -3.44 -12.56 21.90
N ILE A 300 -3.16 -12.26 20.62
CA ILE A 300 -3.48 -13.15 19.46
C ILE A 300 -2.25 -13.42 18.60
N GLY A 301 -1.13 -12.73 18.83
CA GLY A 301 0.14 -12.98 18.11
C GLY A 301 1.32 -12.82 19.04
N ASP A 302 2.36 -12.14 18.55
CA ASP A 302 3.67 -11.97 19.22
C ASP A 302 3.72 -10.63 19.96
N GLU A 303 2.59 -10.12 20.43
CA GLU A 303 2.51 -8.83 21.17
C GLU A 303 3.67 -8.75 22.18
N LEU A 304 3.84 -9.76 23.05
CA LEU A 304 4.79 -9.69 24.21
C LEU A 304 6.23 -9.55 23.70
N LYS A 305 6.62 -10.39 22.75
CA LYS A 305 7.99 -10.41 22.16
C LYS A 305 8.19 -9.12 21.35
N ILE A 306 7.17 -8.67 20.61
CA ILE A 306 7.25 -7.42 19.80
C ILE A 306 7.44 -6.25 20.76
N ASN A 307 6.62 -6.13 21.80
CA ASN A 307 6.67 -4.96 22.71
C ASN A 307 7.98 -4.97 23.51
N ALA A 308 8.50 -6.14 23.89
CA ALA A 308 9.79 -6.22 24.61
C ALA A 308 10.93 -5.79 23.66
N ALA A 309 10.92 -6.29 22.43
CA ALA A 309 11.89 -5.89 21.37
C ALA A 309 11.87 -4.36 21.16
N CYS A 310 10.69 -3.74 21.05
CA CYS A 310 10.54 -2.28 20.79
C CYS A 310 11.12 -1.48 21.96
N ARG A 311 10.88 -1.89 23.20
CA ARG A 311 11.34 -1.16 24.41
C ARG A 311 12.86 -1.27 24.53
N LYS A 312 13.41 -2.45 24.22
CA LYS A 312 14.87 -2.69 24.18
C LYS A 312 15.48 -1.71 23.17
N VAL A 313 14.90 -1.61 21.97
CA VAL A 313 15.39 -0.72 20.88
C VAL A 313 15.19 0.74 21.29
N GLN A 314 14.05 1.10 21.87
CA GLN A 314 13.80 2.50 22.31
C GLN A 314 14.95 2.94 23.22
N HIS A 315 15.23 2.19 24.28
CA HIS A 315 16.28 2.51 25.30
C HIS A 315 17.63 2.75 24.60
N MET A 316 18.10 1.76 23.84
CA MET A 316 19.37 1.79 23.06
C MET A 316 19.51 3.11 22.29
N VAL A 317 18.49 3.45 21.51
CA VAL A 317 18.52 4.50 20.47
C VAL A 317 18.56 5.86 21.17
N VAL A 318 17.75 6.01 22.21
CA VAL A 318 17.64 7.32 22.91
C VAL A 318 18.91 7.52 23.76
N LYS A 319 19.39 6.46 24.42
CA LYS A 319 20.70 6.47 25.14
C LYS A 319 21.78 6.97 24.17
N ALA A 320 21.91 6.29 23.03
CA ALA A 320 22.97 6.51 22.01
C ALA A 320 22.94 7.96 21.51
N ALA A 321 21.75 8.45 21.14
CA ALA A 321 21.53 9.85 20.71
C ALA A 321 21.97 10.82 21.82
N LEU A 322 21.60 10.54 23.07
CA LEU A 322 21.90 11.44 24.22
C LEU A 322 23.42 11.51 24.44
N LEU A 323 24.14 10.37 24.41
CA LEU A 323 25.63 10.34 24.52
C LEU A 323 26.27 11.02 23.31
N ALA A 324 25.86 10.65 22.10
CA ALA A 324 26.50 11.04 20.82
C ALA A 324 26.39 12.55 20.55
N ASP A 325 25.33 13.23 21.01
CA ASP A 325 25.14 14.67 20.70
C ASP A 325 24.89 15.50 21.97
N LYS A 326 24.82 14.87 23.15
CA LYS A 326 24.90 15.61 24.44
C LYS A 326 23.86 16.73 24.43
N PHE A 327 22.62 16.41 24.10
CA PHE A 327 21.46 17.35 24.11
C PHE A 327 21.12 17.68 25.56
N PRO A 328 20.93 18.97 25.90
CA PRO A 328 20.59 19.34 27.29
C PRO A 328 19.13 19.07 27.68
N VAL A 329 18.25 18.90 26.69
CA VAL A 329 16.79 18.64 26.90
C VAL A 329 16.31 17.62 25.87
N LEU A 330 15.45 16.69 26.31
CA LEU A 330 14.66 15.75 25.46
C LEU A 330 13.18 16.09 25.63
N HIS A 331 12.52 16.39 24.51
CA HIS A 331 11.06 16.65 24.43
C HIS A 331 10.36 15.33 24.03
N ASP A 332 9.75 14.65 25.01
CA ASP A 332 9.00 13.38 24.84
C ASP A 332 7.56 13.74 24.45
N ILE A 333 7.32 13.85 23.14
CA ILE A 333 6.01 14.24 22.55
C ILE A 333 5.23 12.94 22.27
N GLY A 334 4.06 12.78 22.92
CA GLY A 334 3.24 11.56 22.88
C GLY A 334 3.58 10.58 23.99
N ASN A 335 4.01 11.09 25.14
CA ASN A 335 4.24 10.29 26.37
C ASN A 335 3.21 10.73 27.42
N PRO A 336 2.03 10.06 27.51
CA PRO A 336 0.98 10.45 28.45
C PRO A 336 1.12 9.92 29.89
N LYS A 337 2.17 9.14 30.19
CA LYS A 337 2.35 8.46 31.49
C LYS A 337 3.59 8.96 32.22
N ALA A 338 4.43 9.80 31.61
CA ALA A 338 5.59 10.48 32.23
C ALA A 338 6.62 9.45 32.67
N ILE A 339 6.82 8.39 31.90
CA ILE A 339 7.83 7.32 32.17
C ILE A 339 8.96 7.52 31.17
N LYS A 340 10.19 7.74 31.66
CA LYS A 340 11.41 7.93 30.85
C LYS A 340 11.90 6.56 30.37
N CYS A 341 12.22 6.41 29.10
CA CYS A 341 12.74 5.13 28.53
C CYS A 341 14.23 4.96 28.86
N VAL A 342 14.94 6.05 29.20
CA VAL A 342 16.36 6.06 29.70
C VAL A 342 16.39 6.82 31.03
N PRO A 343 15.87 6.22 32.14
CA PRO A 343 15.68 6.96 33.40
C PRO A 343 16.96 7.45 34.11
N GLN A 344 18.12 6.88 33.80
CA GLN A 344 19.40 7.12 34.48
C GLN A 344 20.29 8.09 33.68
N ALA A 345 19.79 8.70 32.60
CA ALA A 345 20.60 9.57 31.69
C ALA A 345 20.61 11.02 32.23
N ASP A 346 21.73 11.71 32.06
CA ASP A 346 21.89 13.13 32.46
C ASP A 346 21.27 14.02 31.37
N VAL A 347 20.02 14.42 31.57
CA VAL A 347 19.29 15.34 30.63
C VAL A 347 18.00 15.81 31.31
N GLU A 348 17.52 17.00 30.97
CA GLU A 348 16.18 17.46 31.41
C GLU A 348 15.14 16.79 30.49
N TRP A 349 14.31 15.91 31.04
CA TRP A 349 13.30 15.12 30.29
C TRP A 349 11.96 15.82 30.41
N LYS A 350 11.42 16.36 29.31
CA LYS A 350 10.12 17.08 29.28
C LYS A 350 9.08 16.18 28.58
N PHE A 351 7.87 16.13 29.13
CA PHE A 351 6.77 15.24 28.68
C PHE A 351 5.64 16.09 28.10
N TYR A 352 5.13 15.70 26.94
CA TYR A 352 3.99 16.35 26.24
C TYR A 352 3.08 15.24 25.68
N ASP A 353 1.75 15.40 25.83
CA ASP A 353 0.75 14.51 25.18
C ASP A 353 -0.49 15.34 24.88
N ALA A 354 -1.17 15.07 23.76
CA ALA A 354 -2.51 15.61 23.42
C ALA A 354 -3.55 15.24 24.49
N GLN A 355 -3.35 14.12 25.21
CA GLN A 355 -4.26 13.56 26.26
C GLN A 355 -3.44 12.97 27.39
N PRO A 356 -2.85 13.78 28.29
CA PRO A 356 -2.12 13.23 29.43
C PRO A 356 -3.09 12.39 30.29
N CYS A 357 -2.64 11.26 30.82
CA CYS A 357 -3.34 10.52 31.89
C CYS A 357 -3.50 11.47 33.08
N SER A 358 -4.73 11.57 33.63
CA SER A 358 -5.16 12.53 34.69
C SER A 358 -4.16 12.55 35.86
N ASP A 359 -3.76 11.37 36.35
CA ASP A 359 -2.92 11.23 37.58
C ASP A 359 -1.46 11.65 37.30
N LYS A 360 -1.07 11.88 36.04
CA LYS A 360 0.31 12.29 35.66
C LYS A 360 0.31 13.69 35.02
N ALA A 361 -0.84 14.35 34.93
CA ALA A 361 -1.05 15.58 34.12
C ALA A 361 -0.19 16.73 34.64
N TYR A 362 -0.03 16.84 35.96
CA TYR A 362 0.72 17.92 36.64
C TYR A 362 2.09 18.12 35.97
N LYS A 363 2.74 17.03 35.53
CA LYS A 363 4.12 17.06 34.95
C LYS A 363 4.11 16.65 33.47
N ILE A 364 3.01 16.89 32.75
CA ILE A 364 2.94 16.66 31.28
C ILE A 364 2.13 17.83 30.69
N GLU A 365 2.75 18.62 29.82
CA GLU A 365 2.05 19.70 29.09
C GLU A 365 1.05 19.07 28.11
N GLU A 366 -0.22 19.46 28.19
CA GLU A 366 -1.22 19.09 27.16
C GLU A 366 -0.91 19.90 25.90
N LEU A 367 -0.65 19.21 24.78
CA LEU A 367 -0.22 19.85 23.50
C LEU A 367 -0.41 18.84 22.37
N PHE A 368 -1.08 19.27 21.29
CA PHE A 368 -1.25 18.51 20.03
C PHE A 368 -0.22 19.03 19.04
N TYR A 369 0.84 18.25 18.79
CA TYR A 369 1.94 18.66 17.88
C TYR A 369 1.44 18.63 16.43
N SER A 370 1.64 19.74 15.74
CA SER A 370 1.58 19.90 14.26
C SER A 370 2.75 20.78 13.84
N TYR A 371 3.49 20.40 12.80
CA TYR A 371 4.63 21.20 12.27
C TYR A 371 4.13 22.63 12.01
N ALA A 372 2.95 22.76 11.41
CA ALA A 372 2.31 24.05 11.02
C ALA A 372 2.09 24.97 12.22
N THR A 373 1.99 24.45 13.45
CA THR A 373 1.71 25.23 14.68
C THR A 373 2.90 25.23 15.67
N HIS A 374 3.88 24.33 15.54
CA HIS A 374 4.95 24.18 16.56
C HIS A 374 6.36 24.22 15.94
N SER A 375 6.52 24.63 14.67
CA SER A 375 7.87 24.74 14.04
C SER A 375 8.68 25.85 14.73
N ASP A 376 8.03 26.85 15.32
CA ASP A 376 8.69 27.91 16.13
C ASP A 376 8.97 27.44 17.57
N LYS A 377 8.71 26.17 17.93
CA LYS A 377 8.87 25.63 19.31
C LYS A 377 9.82 24.44 19.30
N PHE A 378 10.18 23.90 20.47
CA PHE A 378 11.09 22.75 20.60
C PHE A 378 12.37 23.07 19.82
N THR A 379 12.83 24.31 20.00
CA THR A 379 13.99 24.91 19.28
C THR A 379 15.30 24.31 19.80
N ASP A 380 15.30 23.80 21.04
CA ASP A 380 16.49 23.32 21.80
C ASP A 380 16.41 21.80 21.95
N GLY A 381 17.57 21.13 22.08
CA GLY A 381 17.67 19.70 22.38
C GLY A 381 17.06 18.85 21.29
N VAL A 382 16.43 17.73 21.65
CA VAL A 382 15.96 16.68 20.70
C VAL A 382 14.52 16.27 21.07
N CYS A 383 13.69 16.10 20.05
CA CYS A 383 12.28 15.66 20.17
C CYS A 383 12.23 14.14 19.98
N LEU A 384 11.63 13.44 20.95
CA LEU A 384 11.32 11.99 20.90
C LEU A 384 9.85 11.84 20.51
N PHE A 385 9.62 11.32 19.29
CA PHE A 385 8.29 10.94 18.77
C PHE A 385 8.22 9.42 18.63
N TRP A 386 8.01 8.74 19.76
CA TRP A 386 7.95 7.26 19.82
C TRP A 386 6.51 6.81 19.54
N ASN A 387 6.15 6.65 18.27
CA ASN A 387 4.78 6.26 17.83
C ASN A 387 3.80 7.37 18.19
N CYS A 388 4.27 8.61 18.06
CA CYS A 388 3.47 9.84 18.08
C CYS A 388 3.39 10.35 16.64
N ASN A 389 2.32 10.01 15.94
CA ASN A 389 2.26 10.01 14.45
C ASN A 389 1.73 11.37 14.00
N VAL A 390 2.61 12.36 13.96
CA VAL A 390 2.29 13.76 13.58
C VAL A 390 2.42 13.92 12.06
N ASP A 391 1.94 15.05 11.54
CA ASP A 391 1.90 15.37 10.09
C ASP A 391 3.32 15.44 9.52
N ARG A 392 4.23 16.19 10.15
CA ARG A 392 5.66 16.30 9.74
C ARG A 392 6.54 16.48 10.97
N TYR A 393 7.62 15.71 11.05
CA TYR A 393 8.57 15.75 12.19
C TYR A 393 9.56 16.87 11.92
N PRO A 394 9.92 17.68 12.94
CA PRO A 394 10.98 18.68 12.80
C PRO A 394 12.34 17.97 12.72
N ALA A 395 13.37 18.73 12.35
CA ALA A 395 14.71 18.21 12.01
C ALA A 395 15.39 17.63 13.24
N ASN A 396 15.08 18.10 14.46
CA ASN A 396 15.74 17.65 15.72
C ASN A 396 14.93 16.52 16.37
N SER A 397 14.72 15.39 15.67
CA SER A 397 13.75 14.33 16.05
C SER A 397 14.40 12.94 16.01
N ILE A 398 13.95 12.10 16.93
CA ILE A 398 14.08 10.61 16.92
C ILE A 398 12.65 10.07 16.84
N VAL A 399 12.36 9.23 15.85
CA VAL A 399 10.99 8.81 15.50
C VAL A 399 10.96 7.29 15.39
N CYS A 400 10.02 6.67 16.08
CA CYS A 400 9.52 5.33 15.70
C CYS A 400 8.12 5.55 15.10
N ARG A 401 7.89 4.99 13.92
CA ARG A 401 6.55 4.97 13.31
C ARG A 401 6.21 3.58 12.75
N PHE A 402 4.95 3.20 12.91
CA PHE A 402 4.33 1.95 12.38
C PHE A 402 3.79 2.21 10.97
N ASP A 403 4.18 1.34 10.03
CA ASP A 403 3.66 1.34 8.65
C ASP A 403 2.28 0.66 8.65
N THR A 404 1.23 1.46 8.51
CA THR A 404 -0.20 1.06 8.34
C THR A 404 -0.38 0.01 7.23
N ARG A 405 0.53 -0.09 6.27
CA ARG A 405 0.33 -0.98 5.10
C ARG A 405 0.70 -2.43 5.44
N VAL A 406 1.38 -2.71 6.56
CA VAL A 406 1.86 -4.10 6.85
C VAL A 406 0.65 -4.97 7.20
N LEU A 407 0.69 -6.23 6.73
CA LEU A 407 -0.35 -7.25 6.95
C LEU A 407 0.01 -8.00 8.23
N SER A 408 -0.94 -8.01 9.17
CA SER A 408 -0.79 -8.57 10.53
C SER A 408 -2.20 -8.77 11.08
N ASN A 409 -2.43 -9.84 11.83
CA ASN A 409 -3.64 -10.04 12.68
C ASN A 409 -3.80 -8.88 13.67
N LEU A 410 -2.70 -8.24 14.08
CA LEU A 410 -2.70 -7.06 14.98
C LEU A 410 -3.28 -5.83 14.29
N ASN A 411 -3.20 -5.77 12.97
CA ASN A 411 -3.41 -4.50 12.23
C ASN A 411 -4.70 -4.59 11.43
N LEU A 412 -5.72 -3.82 11.82
CA LEU A 412 -7.07 -3.87 11.23
C LEU A 412 -7.26 -2.72 10.25
N PRO A 413 -8.07 -2.89 9.19
CA PRO A 413 -8.40 -1.79 8.28
C PRO A 413 -9.02 -0.64 9.08
N GLY A 414 -8.54 0.58 8.85
CA GLY A 414 -8.92 1.78 9.61
C GLY A 414 -9.58 2.80 8.70
N CYS A 415 -9.63 4.04 9.17
CA CYS A 415 -10.32 5.19 8.57
C CYS A 415 -9.30 6.03 7.77
N ASP A 416 -9.65 6.39 6.54
CA ASP A 416 -8.95 7.39 5.68
C ASP A 416 -7.53 6.92 5.29
N GLY A 417 -7.39 5.67 4.89
CA GLY A 417 -6.08 5.04 4.58
C GLY A 417 -5.30 4.65 5.82
N GLY A 418 -5.70 5.11 7.02
CA GLY A 418 -5.10 4.65 8.30
C GLY A 418 -5.49 3.21 8.64
N SER A 419 -4.87 2.66 9.68
CA SER A 419 -5.18 1.32 10.22
C SER A 419 -5.42 1.44 11.73
N LEU A 420 -6.10 0.45 12.30
CA LEU A 420 -6.29 0.30 13.76
C LEU A 420 -5.38 -0.82 14.26
N TYR A 421 -4.26 -0.44 14.87
CA TYR A 421 -3.24 -1.38 15.40
C TYR A 421 -3.66 -1.76 16.81
N VAL A 422 -4.19 -2.98 16.96
CA VAL A 422 -4.67 -3.52 18.26
C VAL A 422 -3.61 -4.47 18.80
N ASN A 423 -2.89 -3.98 19.79
CA ASN A 423 -1.74 -4.62 20.48
C ASN A 423 -1.81 -4.12 21.91
N LYS A 424 -2.51 -4.88 22.77
CA LYS A 424 -2.83 -4.56 24.18
C LYS A 424 -3.90 -3.46 24.19
N HIS A 425 -3.62 -2.31 23.56
CA HIS A 425 -4.61 -1.22 23.37
C HIS A 425 -4.87 -1.02 21.87
N ALA A 426 -5.98 -0.35 21.54
CA ALA A 426 -6.37 -0.01 20.17
C ALA A 426 -5.76 1.35 19.81
N PHE A 427 -4.81 1.36 18.89
CA PHE A 427 -4.15 2.60 18.41
C PHE A 427 -4.47 2.80 16.94
N HIS A 428 -5.43 3.68 16.65
CA HIS A 428 -5.65 4.17 15.26
C HIS A 428 -4.42 4.97 14.84
N THR A 429 -3.87 4.64 13.66
CA THR A 429 -2.62 5.17 13.09
C THR A 429 -2.95 5.77 11.73
N PRO A 430 -2.61 7.06 11.49
CA PRO A 430 -2.81 7.67 10.18
C PRO A 430 -2.02 6.90 9.12
N ALA A 431 -2.50 6.96 7.89
CA ALA A 431 -1.81 6.47 6.68
C ALA A 431 -0.31 6.78 6.77
N PHE A 432 0.52 5.76 6.53
CA PHE A 432 1.99 5.91 6.38
C PHE A 432 2.28 6.77 5.15
N ASP A 433 3.09 7.79 5.33
CA ASP A 433 3.38 8.86 4.35
C ASP A 433 4.87 9.21 4.46
N LYS A 434 5.65 8.96 3.41
CA LYS A 434 7.12 9.23 3.39
C LYS A 434 7.41 10.71 3.70
N SER A 435 6.57 11.62 3.19
CA SER A 435 6.78 13.08 3.26
C SER A 435 6.89 13.55 4.71
N ALA A 436 6.28 12.84 5.67
CA ALA A 436 6.37 13.14 7.12
C ALA A 436 7.83 13.16 7.58
N PHE A 437 8.69 12.35 6.95
CA PHE A 437 10.10 12.14 7.35
C PHE A 437 11.08 12.98 6.50
N VAL A 438 10.59 13.98 5.78
CA VAL A 438 11.36 14.78 4.76
C VAL A 438 12.62 15.41 5.37
N ASN A 439 12.58 15.79 6.66
CA ASN A 439 13.71 16.41 7.38
C ASN A 439 14.59 15.35 8.06
N LEU A 440 14.35 14.06 7.88
CA LEU A 440 15.06 13.01 8.67
C LEU A 440 15.69 12.00 7.72
N LYS A 441 16.59 11.18 8.25
CA LYS A 441 17.11 9.98 7.55
C LYS A 441 16.70 8.74 8.32
N GLN A 442 16.83 7.60 7.68
CA GLN A 442 16.67 6.29 8.34
C GLN A 442 17.77 6.16 9.38
N LEU A 443 17.45 5.60 10.55
CA LEU A 443 18.46 5.28 11.60
C LEU A 443 19.15 3.99 11.16
N PRO A 444 20.48 3.99 10.90
CA PRO A 444 21.18 2.74 10.58
C PRO A 444 21.26 1.83 11.82
N PHE A 445 21.32 0.51 11.58
CA PHE A 445 21.52 -0.49 12.65
C PHE A 445 22.88 -0.22 13.32
N PHE A 446 22.89 -0.21 14.65
CA PHE A 446 24.10 -0.29 15.50
C PHE A 446 23.71 -0.87 16.87
N TYR A 447 24.69 -1.43 17.57
CA TYR A 447 24.62 -1.84 19.00
C TYR A 447 25.63 -1.00 19.78
N TYR A 448 25.21 -0.36 20.87
CA TYR A 448 26.10 0.44 21.74
C TYR A 448 25.95 -0.02 23.19
N SER A 449 27.06 -0.33 23.86
CA SER A 449 27.15 -0.50 25.33
C SER A 449 28.44 0.10 25.89
N ASP A 450 28.32 0.84 26.98
CA ASP A 450 29.42 1.39 27.82
C ASP A 450 29.39 0.69 29.19
N SER A 451 28.96 -0.57 29.23
CA SER A 451 28.88 -1.42 30.44
C SER A 451 30.17 -2.22 30.58
N PRO A 452 30.46 -2.81 31.76
CA PRO A 452 31.58 -3.74 31.94
C PRO A 452 31.74 -4.84 30.87
N CYS A 453 32.99 -5.18 30.58
CA CYS A 453 33.45 -5.94 29.38
C CYS A 453 33.71 -7.41 29.72
N GLU A 454 33.03 -7.97 30.72
CA GLU A 454 33.46 -9.24 31.39
C GLU A 454 33.18 -10.46 30.49
N SER A 455 33.93 -11.56 30.70
CA SER A 455 33.75 -12.88 30.05
C SER A 455 33.22 -13.89 31.08
N VAL A 467 32.85 -18.75 16.71
CA VAL A 467 32.96 -17.54 15.83
C VAL A 467 33.09 -16.31 16.71
N PRO A 468 34.28 -15.68 16.82
CA PRO A 468 34.39 -14.31 17.33
C PRO A 468 33.58 -13.34 16.46
N LEU A 469 33.06 -12.27 17.08
CA LEU A 469 32.20 -11.25 16.43
C LEU A 469 33.08 -10.28 15.63
N LYS A 470 32.90 -10.23 14.32
CA LYS A 470 33.61 -9.30 13.41
C LYS A 470 32.58 -8.35 12.79
N SER A 471 32.25 -7.26 13.49
CA SER A 471 31.21 -6.28 13.08
C SER A 471 31.60 -4.83 13.39
N ALA A 472 31.50 -3.98 12.38
CA ALA A 472 31.68 -2.52 12.45
C ALA A 472 30.53 -1.87 13.24
N THR A 473 29.42 -2.59 13.45
CA THR A 473 28.20 -2.10 14.16
C THR A 473 28.14 -2.56 15.62
N CYS A 474 29.12 -3.32 16.11
CA CYS A 474 29.29 -3.59 17.56
C CYS A 474 30.17 -2.49 18.14
N ILE A 475 29.54 -1.48 18.74
CA ILE A 475 30.23 -0.27 19.24
C ILE A 475 30.46 -0.49 20.73
N THR A 476 31.57 -1.15 21.05
CA THR A 476 31.98 -1.55 22.42
C THR A 476 33.48 -1.36 22.58
N ARG A 477 33.94 -1.27 23.83
CA ARG A 477 35.38 -1.11 24.20
C ARG A 477 36.19 -2.28 23.64
N CYS A 478 35.67 -3.51 23.71
CA CYS A 478 36.38 -4.75 23.28
C CYS A 478 36.51 -4.83 21.75
N ASN A 479 35.85 -3.95 21.00
CA ASN A 479 35.84 -3.94 19.50
C ASN A 479 36.64 -2.75 18.95
N LEU A 480 37.31 -1.99 19.82
CA LEU A 480 38.22 -0.86 19.43
C LEU A 480 39.45 -1.39 18.69
N GLY A 481 39.79 -2.67 18.87
CA GLY A 481 40.92 -3.35 18.20
C GLY A 481 40.98 -4.83 18.52
N GLY A 482 40.66 -5.22 19.75
CA GLY A 482 40.61 -6.63 20.18
C GLY A 482 39.50 -7.42 19.48
N ALA A 483 39.41 -8.71 19.82
CA ALA A 483 38.20 -9.54 19.64
C ALA A 483 37.15 -9.10 20.68
N VAL A 484 35.87 -9.19 20.33
CA VAL A 484 34.74 -8.72 21.18
C VAL A 484 34.62 -9.70 22.35
N CYS A 485 34.27 -9.22 23.56
CA CYS A 485 34.10 -10.08 24.76
C CYS A 485 32.82 -10.93 24.64
N ARG A 486 32.78 -12.09 25.31
CA ARG A 486 31.63 -13.05 25.37
C ARG A 486 30.31 -12.31 25.70
N HIS A 487 30.33 -11.36 26.65
CA HIS A 487 29.13 -10.61 27.14
C HIS A 487 28.56 -9.74 26.01
N HIS A 488 29.35 -8.78 25.54
CA HIS A 488 28.96 -7.80 24.49
C HIS A 488 28.62 -8.53 23.18
N ALA A 489 29.25 -9.68 22.89
CA ALA A 489 28.97 -10.50 21.70
C ALA A 489 27.58 -11.16 21.81
N ASN A 490 27.20 -11.54 23.03
CA ASN A 490 25.88 -12.16 23.36
C ASN A 490 24.79 -11.09 23.26
N GLU A 491 25.03 -9.95 23.92
CA GLU A 491 24.13 -8.78 23.95
C GLU A 491 23.84 -8.31 22.52
N TYR A 492 24.88 -8.16 21.70
CA TYR A 492 24.80 -7.75 20.27
C TYR A 492 23.79 -8.64 19.55
N ARG A 493 23.92 -9.95 19.69
CA ARG A 493 23.07 -10.94 18.96
C ARG A 493 21.65 -10.92 19.51
N LEU A 494 21.45 -10.66 20.81
CA LEU A 494 20.08 -10.51 21.38
C LEU A 494 19.43 -9.23 20.83
N TYR A 495 20.24 -8.19 20.63
CA TYR A 495 19.80 -6.84 20.22
C TYR A 495 19.43 -6.83 18.72
N LEU A 496 20.24 -7.51 17.89
CA LEU A 496 19.97 -7.75 16.45
C LEU A 496 18.67 -8.54 16.30
N ASP A 497 18.46 -9.55 17.16
CA ASP A 497 17.20 -10.36 17.17
C ASP A 497 16.03 -9.42 17.51
N ALA A 498 16.20 -8.53 18.48
CA ALA A 498 15.16 -7.58 18.93
C ALA A 498 14.86 -6.57 17.81
N TYR A 499 15.89 -5.94 17.26
CA TYR A 499 15.78 -4.95 16.15
C TYR A 499 15.06 -5.62 14.96
N ASN A 500 15.50 -6.82 14.57
CA ASN A 500 14.88 -7.59 13.46
C ASN A 500 13.40 -7.87 13.75
N MET A 501 13.07 -8.28 14.97
CA MET A 501 11.69 -8.52 15.43
C MET A 501 10.87 -7.23 15.19
N MET A 502 11.43 -6.08 15.52
CA MET A 502 10.74 -4.77 15.47
C MET A 502 10.52 -4.33 14.02
N ILE A 503 11.55 -4.49 13.17
CA ILE A 503 11.48 -4.23 11.70
C ILE A 503 10.34 -5.08 11.13
N SER A 504 10.35 -6.38 11.39
CA SER A 504 9.33 -7.35 10.89
C SER A 504 7.92 -7.00 11.37
N ALA A 505 7.77 -6.42 12.56
CA ALA A 505 6.45 -6.08 13.14
C ALA A 505 5.90 -4.80 12.49
N GLY A 506 6.67 -4.13 11.61
CA GLY A 506 6.20 -3.05 10.73
C GLY A 506 6.58 -1.67 11.23
N PHE A 507 7.53 -1.57 12.17
CA PHE A 507 8.01 -0.30 12.75
C PHE A 507 9.29 0.11 12.02
N SER A 508 9.45 1.40 11.77
CA SER A 508 10.65 2.00 11.14
C SER A 508 11.16 3.14 12.01
N LEU A 509 12.46 3.40 11.96
CA LEU A 509 13.20 4.32 12.85
C LEU A 509 13.87 5.39 12.00
N TRP A 510 13.70 6.65 12.39
CA TRP A 510 14.20 7.86 11.68
C TRP A 510 14.91 8.75 12.70
N VAL A 511 15.78 9.62 12.23
CA VAL A 511 16.68 10.44 13.12
C VAL A 511 17.14 11.70 12.40
N TYR A 512 17.43 12.75 13.17
CA TYR A 512 18.18 13.96 12.75
C TYR A 512 19.34 13.54 11.82
N LYS A 513 19.42 14.18 10.66
CA LYS A 513 20.40 13.91 9.58
C LYS A 513 21.86 13.93 10.10
N GLN A 514 22.19 14.73 11.11
CA GLN A 514 23.59 14.88 11.63
C GLN A 514 23.95 13.69 12.54
N PHE A 515 23.03 12.76 12.81
CA PHE A 515 23.33 11.57 13.65
C PHE A 515 24.39 10.72 12.94
N ASP A 516 25.46 10.37 13.67
CA ASP A 516 26.57 9.53 13.17
C ASP A 516 27.09 8.68 14.32
N THR A 517 27.42 7.41 14.06
CA THR A 517 28.04 6.50 15.07
C THR A 517 29.49 6.96 15.35
N TYR A 518 30.10 7.79 14.50
CA TYR A 518 31.41 8.47 14.74
C TYR A 518 31.47 8.98 16.18
N ASN A 519 30.44 9.69 16.61
CA ASN A 519 30.37 10.34 17.95
C ASN A 519 30.10 9.32 19.07
N LEU A 520 29.78 8.06 18.75
CA LEU A 520 29.66 6.95 19.74
C LEU A 520 31.03 6.30 19.95
N TRP A 521 31.82 6.15 18.89
CA TRP A 521 33.21 5.61 18.96
C TRP A 521 34.11 6.50 19.85
N ASN A 522 33.87 7.82 19.88
CA ASN A 522 34.64 8.80 20.70
C ASN A 522 34.36 8.68 22.20
N THR A 523 33.16 8.28 22.62
CA THR A 523 32.77 8.20 24.06
C THR A 523 33.79 7.36 24.85
N PHE A 524 34.41 6.36 24.21
CA PHE A 524 35.43 5.47 24.83
C PHE A 524 36.73 6.23 25.07
N THR B 26 3.08 1.86 -39.47
CA THR B 26 2.53 3.23 -39.73
C THR B 26 1.21 3.37 -38.94
N HIS B 27 0.03 3.33 -39.60
CA HIS B 27 -1.30 3.55 -38.97
C HIS B 27 -2.31 2.45 -39.34
N LEU B 28 -3.47 2.46 -38.69
CA LEU B 28 -4.54 1.43 -38.83
C LEU B 28 -5.52 1.88 -39.93
N SER B 29 -5.49 1.21 -41.09
CA SER B 29 -6.44 1.41 -42.21
C SER B 29 -7.89 1.39 -41.67
N VAL B 30 -8.71 2.34 -42.11
CA VAL B 30 -10.17 2.39 -41.78
C VAL B 30 -10.90 1.21 -42.45
N ASP B 31 -10.29 0.61 -43.49
CA ASP B 31 -10.81 -0.58 -44.23
C ASP B 31 -10.46 -1.89 -43.51
N THR B 32 -9.83 -1.84 -42.33
CA THR B 32 -9.58 -3.05 -41.47
C THR B 32 -10.94 -3.54 -40.94
N LYS B 33 -11.12 -4.86 -40.88
CA LYS B 33 -12.39 -5.51 -40.43
C LYS B 33 -12.46 -5.44 -38.90
N PHE B 34 -13.61 -5.02 -38.37
CA PHE B 34 -13.92 -4.92 -36.91
C PHE B 34 -14.81 -6.10 -36.50
N LYS B 35 -14.29 -6.98 -35.64
CA LYS B 35 -15.01 -8.16 -35.09
C LYS B 35 -16.11 -7.65 -34.15
N THR B 36 -17.36 -8.02 -34.42
CA THR B 36 -18.59 -7.39 -33.86
C THR B 36 -19.18 -8.20 -32.70
N GLU B 37 -18.59 -9.36 -32.38
CA GLU B 37 -19.12 -10.38 -31.41
C GLU B 37 -19.23 -9.80 -29.98
N GLY B 38 -18.48 -8.76 -29.63
CA GLY B 38 -18.48 -8.16 -28.27
C GLY B 38 -19.66 -7.24 -28.01
N LEU B 39 -20.40 -6.83 -29.05
CA LEU B 39 -21.38 -5.70 -29.02
C LEU B 39 -22.73 -6.16 -28.45
N CYS B 40 -23.03 -5.77 -27.20
CA CYS B 40 -24.12 -6.26 -26.30
C CYS B 40 -24.91 -7.43 -26.93
N MET B 50 -18.03 -5.95 -40.12
CA MET B 50 -18.01 -4.46 -40.20
C MET B 50 -16.58 -3.97 -40.46
N THR B 51 -16.40 -2.66 -40.62
CA THR B 51 -15.09 -1.94 -40.68
C THR B 51 -15.12 -0.72 -39.76
N TYR B 52 -13.95 -0.11 -39.53
CA TYR B 52 -13.77 1.10 -38.66
C TYR B 52 -14.46 2.31 -39.30
N ARG B 53 -14.39 2.44 -40.64
CA ARG B 53 -15.08 3.53 -41.40
C ARG B 53 -16.59 3.47 -41.12
N ARG B 54 -17.18 2.26 -41.16
CA ARG B 54 -18.61 2.04 -40.81
C ARG B 54 -18.84 2.44 -39.35
N LEU B 55 -17.99 1.95 -38.43
CA LEU B 55 -18.12 2.14 -36.96
C LEU B 55 -18.05 3.64 -36.60
N ILE B 56 -17.19 4.42 -37.26
CA ILE B 56 -17.07 5.90 -37.02
C ILE B 56 -18.41 6.57 -37.41
N SER B 57 -19.01 6.14 -38.53
CA SER B 57 -20.31 6.65 -39.06
C SER B 57 -21.43 6.33 -38.06
N MET B 58 -21.50 5.08 -37.57
CA MET B 58 -22.45 4.63 -36.51
C MET B 58 -22.28 5.46 -35.24
N MET B 59 -21.04 5.85 -34.90
CA MET B 59 -20.69 6.48 -33.60
C MET B 59 -21.17 7.94 -33.55
N GLY B 60 -21.59 8.53 -34.68
CA GLY B 60 -22.20 9.87 -34.77
C GLY B 60 -21.23 10.92 -35.30
N PHE B 61 -20.13 10.48 -35.91
CA PHE B 61 -19.07 11.37 -36.46
C PHE B 61 -19.23 11.42 -37.98
N LYS B 62 -19.86 12.49 -38.48
CA LYS B 62 -19.85 12.88 -39.91
C LYS B 62 -18.39 13.17 -40.28
N MET B 63 -17.68 12.16 -40.79
CA MET B 63 -16.28 12.25 -41.31
C MET B 63 -16.19 13.38 -42.34
N ASN B 64 -14.95 13.77 -42.69
CA ASN B 64 -14.64 14.78 -43.72
C ASN B 64 -14.36 14.05 -45.05
N TYR B 65 -13.83 14.74 -46.06
CA TYR B 65 -13.54 14.19 -47.42
C TYR B 65 -12.17 13.46 -47.45
N GLN B 66 -11.16 13.98 -46.75
CA GLN B 66 -9.75 13.48 -46.75
C GLN B 66 -9.23 13.36 -45.31
N VAL B 67 -7.97 12.94 -45.14
CA VAL B 67 -7.22 12.81 -43.85
C VAL B 67 -6.32 14.05 -43.67
N ASN B 68 -5.91 14.38 -42.43
CA ASN B 68 -4.89 15.43 -42.11
C ASN B 68 -4.21 15.11 -40.76
N GLY B 69 -3.47 14.00 -40.71
CA GLY B 69 -2.68 13.55 -39.53
C GLY B 69 -3.50 12.78 -38.50
N TYR B 70 -4.69 12.30 -38.89
CA TYR B 70 -5.68 11.59 -38.03
C TYR B 70 -6.52 10.66 -38.91
N PRO B 71 -5.92 9.67 -39.60
CA PRO B 71 -6.67 8.81 -40.53
C PRO B 71 -7.75 7.96 -39.87
N ASN B 72 -7.60 7.66 -38.57
CA ASN B 72 -8.48 6.75 -37.79
C ASN B 72 -8.44 7.15 -36.31
N MET B 73 -9.59 7.15 -35.64
CA MET B 73 -9.69 7.31 -34.16
C MET B 73 -9.01 6.11 -33.51
N PHE B 74 -9.13 4.94 -34.13
CA PHE B 74 -8.59 3.65 -33.65
C PHE B 74 -7.15 3.50 -34.13
N ILE B 75 -6.31 2.91 -33.26
CA ILE B 75 -4.85 2.71 -33.52
C ILE B 75 -4.54 1.24 -33.30
N THR B 76 -3.35 0.82 -33.76
CA THR B 76 -2.80 -0.55 -33.67
C THR B 76 -2.28 -0.78 -32.25
N ARG B 77 -2.18 -2.04 -31.85
CA ARG B 77 -1.50 -2.52 -30.62
C ARG B 77 -0.13 -1.82 -30.51
N GLU B 78 0.65 -1.79 -31.61
CA GLU B 78 2.04 -1.27 -31.66
C GLU B 78 2.06 0.23 -31.32
N GLU B 79 1.16 1.02 -31.91
CA GLU B 79 1.04 2.49 -31.64
C GLU B 79 0.56 2.71 -30.20
N ALA B 80 -0.39 1.91 -29.71
CA ALA B 80 -0.91 1.99 -28.32
C ALA B 80 0.24 1.80 -27.33
N ILE B 81 1.11 0.82 -27.57
CA ILE B 81 2.24 0.47 -26.67
C ILE B 81 3.16 1.69 -26.58
N ARG B 82 3.45 2.34 -27.70
CA ARG B 82 4.29 3.57 -27.78
C ARG B 82 3.66 4.71 -26.97
N HIS B 83 2.33 4.74 -26.85
CA HIS B 83 1.61 5.80 -26.10
C HIS B 83 0.94 5.23 -24.85
N VAL B 84 1.57 4.27 -24.18
CA VAL B 84 1.01 3.61 -22.95
C VAL B 84 0.75 4.66 -21.86
N ARG B 85 1.55 5.73 -21.78
CA ARG B 85 1.37 6.85 -20.80
C ARG B 85 0.02 7.54 -21.02
N ALA B 86 -0.57 7.44 -22.21
CA ALA B 86 -1.85 8.07 -22.60
C ALA B 86 -3.07 7.17 -22.28
N TRP B 87 -2.87 5.93 -21.82
CA TRP B 87 -3.97 4.94 -21.69
C TRP B 87 -4.95 5.38 -20.59
N ILE B 88 -6.21 5.65 -20.95
CA ILE B 88 -7.31 5.80 -19.95
C ILE B 88 -8.39 4.77 -20.27
N GLY B 89 -8.55 3.78 -19.41
CA GLY B 89 -9.69 2.84 -19.50
C GLY B 89 -11.01 3.59 -19.54
N PHE B 90 -11.88 3.24 -20.48
CA PHE B 90 -13.22 3.85 -20.64
C PHE B 90 -14.26 2.73 -20.81
N ALA B 91 -15.29 2.75 -19.96
CA ALA B 91 -16.46 1.84 -20.01
C ALA B 91 -17.74 2.62 -19.73
N VAL B 92 -18.87 2.10 -20.23
CA VAL B 92 -20.25 2.59 -19.93
C VAL B 92 -21.07 1.39 -19.43
N ALA B 93 -21.82 1.57 -18.34
CA ALA B 93 -22.42 0.51 -17.48
C ALA B 93 -23.12 -0.57 -18.32
N PRO B 107 -30.27 8.32 -18.75
CA PRO B 107 -29.39 8.20 -17.59
C PRO B 107 -28.18 7.28 -17.87
N LEU B 108 -27.04 7.87 -18.27
CA LEU B 108 -25.76 7.19 -18.63
C LEU B 108 -24.76 7.33 -17.48
N GLN B 109 -24.08 6.24 -17.10
CA GLN B 109 -22.94 6.24 -16.15
C GLN B 109 -21.64 5.94 -16.91
N LEU B 110 -20.77 6.96 -17.04
CA LEU B 110 -19.44 6.86 -17.69
C LEU B 110 -18.37 6.66 -16.61
N GLY B 111 -17.50 5.66 -16.80
CA GLY B 111 -16.38 5.32 -15.90
C GLY B 111 -15.03 5.45 -16.57
N PHE B 112 -14.01 5.84 -15.80
CA PHE B 112 -12.60 5.94 -16.26
C PHE B 112 -11.69 5.14 -15.32
N SER B 113 -10.53 4.69 -15.84
CA SER B 113 -9.50 3.93 -15.10
C SER B 113 -8.91 4.77 -13.95
N THR B 114 -9.08 6.10 -13.95
CA THR B 114 -8.84 6.98 -12.76
C THR B 114 -9.79 6.67 -11.59
N GLY B 115 -10.76 5.75 -11.74
CA GLY B 115 -11.74 5.39 -10.69
C GLY B 115 -12.83 6.46 -10.51
N VAL B 116 -13.10 7.25 -11.55
CA VAL B 116 -14.06 8.39 -11.57
C VAL B 116 -15.30 7.95 -12.35
N ASN B 117 -16.47 8.00 -11.71
CA ASN B 117 -17.80 7.74 -12.32
C ASN B 117 -18.58 9.05 -12.39
N LEU B 118 -19.10 9.37 -13.58
CA LEU B 118 -19.98 10.52 -13.85
C LEU B 118 -21.29 9.99 -14.46
N VAL B 119 -22.43 10.46 -13.93
CA VAL B 119 -23.81 10.18 -14.43
C VAL B 119 -24.26 11.37 -15.29
N ALA B 120 -24.65 11.12 -16.55
CA ALA B 120 -25.19 12.12 -17.50
C ALA B 120 -26.71 11.94 -17.63
N VAL B 121 -27.44 13.01 -17.96
CA VAL B 121 -28.93 13.02 -18.08
C VAL B 121 -29.33 13.70 -19.39
N PRO B 122 -29.95 12.97 -20.36
CA PRO B 122 -30.41 13.59 -21.61
C PRO B 122 -31.79 14.26 -21.47
N GLY B 157 -27.74 12.33 -11.16
CA GLY B 157 -27.77 12.94 -12.52
C GLY B 157 -26.93 14.21 -12.59
N LEU B 158 -26.23 14.40 -13.73
CA LEU B 158 -25.57 15.69 -14.10
C LEU B 158 -25.89 16.01 -15.56
N PRO B 159 -25.95 17.32 -15.92
CA PRO B 159 -26.14 17.72 -17.31
C PRO B 159 -24.87 17.52 -18.16
N TRP B 160 -25.05 17.05 -19.40
CA TRP B 160 -23.98 16.81 -20.40
C TRP B 160 -23.00 17.99 -20.52
N ASN B 161 -23.45 19.23 -20.31
CA ASN B 161 -22.60 20.45 -20.43
C ASN B 161 -21.66 20.58 -19.22
N VAL B 162 -22.00 19.96 -18.08
CA VAL B 162 -21.14 19.89 -16.84
C VAL B 162 -20.26 18.64 -16.94
N VAL B 163 -20.87 17.48 -17.24
CA VAL B 163 -20.20 16.16 -17.43
C VAL B 163 -19.01 16.30 -18.38
N ARG B 164 -19.16 17.04 -19.49
CA ARG B 164 -18.12 17.18 -20.54
C ARG B 164 -16.96 18.06 -20.02
N ILE B 165 -17.23 19.13 -19.26
CA ILE B 165 -16.18 20.02 -18.66
C ILE B 165 -15.33 19.21 -17.66
N LYS B 166 -15.93 18.27 -16.91
CA LYS B 166 -15.24 17.50 -15.83
C LYS B 166 -14.32 16.44 -16.45
N ILE B 167 -14.81 15.75 -17.50
CA ILE B 167 -14.00 14.81 -18.33
C ILE B 167 -12.70 15.52 -18.74
N VAL B 168 -12.81 16.69 -19.37
CA VAL B 168 -11.64 17.46 -19.90
C VAL B 168 -10.70 17.83 -18.73
N GLN B 169 -11.26 18.26 -17.59
CA GLN B 169 -10.56 18.60 -16.33
C GLN B 169 -9.77 17.37 -15.83
N MET B 170 -10.45 16.23 -15.73
CA MET B 170 -9.89 14.94 -15.26
C MET B 170 -8.75 14.50 -16.19
N LEU B 171 -8.98 14.46 -17.51
CA LEU B 171 -7.98 14.00 -18.50
C LEU B 171 -6.77 14.95 -18.50
N SER B 172 -7.01 16.26 -18.36
CA SER B 172 -5.96 17.31 -18.32
C SER B 172 -5.07 17.12 -17.08
N ASP B 173 -5.69 17.04 -15.91
CA ASP B 173 -5.02 16.78 -14.60
C ASP B 173 -4.17 15.52 -14.70
N THR B 174 -4.72 14.41 -15.20
CA THR B 174 -4.06 13.07 -15.24
C THR B 174 -2.92 13.04 -16.26
N LEU B 175 -3.10 13.63 -17.45
CA LEU B 175 -2.22 13.37 -18.61
C LEU B 175 -1.22 14.50 -18.90
N LYS B 176 -1.39 15.71 -18.34
CA LYS B 176 -0.67 16.90 -18.86
C LYS B 176 0.86 16.71 -18.79
N ASN B 177 1.36 16.00 -17.77
CA ASN B 177 2.81 15.70 -17.57
C ASN B 177 3.19 14.28 -18.06
N LEU B 178 2.23 13.44 -18.44
CA LEU B 178 2.46 12.09 -19.03
C LEU B 178 2.56 12.15 -20.55
N SER B 179 1.59 12.77 -21.25
CA SER B 179 1.37 12.51 -22.71
C SER B 179 0.89 13.76 -23.46
N ASP B 180 1.10 13.76 -24.78
CA ASP B 180 0.55 14.77 -25.73
C ASP B 180 -0.85 14.35 -26.22
N ARG B 181 -1.47 13.32 -25.65
CA ARG B 181 -2.74 12.75 -26.19
C ARG B 181 -3.43 11.91 -25.13
N VAL B 182 -4.56 11.33 -25.51
CA VAL B 182 -5.25 10.29 -24.71
C VAL B 182 -5.49 9.10 -25.64
N VAL B 183 -5.32 7.89 -25.12
CA VAL B 183 -5.83 6.64 -25.75
C VAL B 183 -6.91 6.06 -24.82
N PHE B 184 -8.17 6.09 -25.23
CA PHE B 184 -9.25 5.35 -24.51
C PHE B 184 -9.06 3.86 -24.78
N VAL B 185 -8.92 3.08 -23.71
CA VAL B 185 -8.81 1.59 -23.78
C VAL B 185 -10.20 1.03 -23.51
N LEU B 186 -10.78 0.36 -24.51
CA LEU B 186 -12.18 -0.11 -24.48
C LEU B 186 -12.20 -1.63 -24.43
N TRP B 187 -13.12 -2.17 -23.63
CA TRP B 187 -13.82 -3.45 -23.86
C TRP B 187 -15.18 -3.10 -24.47
N ALA B 188 -15.23 -3.01 -25.81
CA ALA B 188 -16.28 -2.28 -26.57
C ALA B 188 -17.58 -3.09 -26.60
N HIS B 189 -18.59 -2.65 -25.85
CA HIS B 189 -19.98 -3.21 -25.83
C HIS B 189 -20.88 -2.48 -26.84
N GLY B 190 -20.56 -1.24 -27.21
CA GLY B 190 -21.29 -0.43 -28.20
C GLY B 190 -21.76 0.90 -27.65
N PHE B 191 -22.18 0.95 -26.38
CA PHE B 191 -22.79 2.16 -25.75
C PHE B 191 -21.72 3.24 -25.54
N GLU B 192 -20.54 2.84 -25.03
CA GLU B 192 -19.39 3.74 -24.76
C GLU B 192 -18.92 4.40 -26.06
N LEU B 193 -18.94 3.67 -27.18
CA LEU B 193 -18.64 4.22 -28.55
C LEU B 193 -19.69 5.26 -28.95
N THR B 194 -20.96 4.99 -28.66
CA THR B 194 -22.14 5.85 -28.98
C THR B 194 -22.17 7.06 -28.03
N SER B 195 -21.50 6.99 -26.87
CA SER B 195 -21.46 8.09 -25.87
C SER B 195 -20.50 9.22 -26.30
N MET B 196 -19.54 8.94 -27.20
CA MET B 196 -18.36 9.82 -27.43
C MET B 196 -18.77 11.12 -28.14
N LYS B 197 -19.76 11.10 -29.03
CA LYS B 197 -20.29 12.32 -29.72
C LYS B 197 -20.67 13.42 -28.72
N TYR B 198 -21.05 13.05 -27.49
CA TYR B 198 -21.49 14.00 -26.44
C TYR B 198 -20.31 14.74 -25.80
N PHE B 199 -19.09 14.18 -25.78
CA PHE B 199 -17.89 14.81 -25.17
C PHE B 199 -16.64 14.75 -26.06
N VAL B 200 -16.72 14.19 -27.28
CA VAL B 200 -15.56 14.04 -28.20
C VAL B 200 -15.85 14.85 -29.46
N LYS B 201 -14.83 15.55 -29.96
CA LYS B 201 -14.83 16.22 -31.29
C LYS B 201 -13.63 15.68 -32.07
N ILE B 202 -13.81 15.33 -33.34
CA ILE B 202 -12.69 14.85 -34.22
C ILE B 202 -12.53 15.85 -35.36
N GLY B 203 -11.42 15.72 -36.09
CA GLY B 203 -11.11 16.53 -37.28
C GLY B 203 -9.62 16.47 -37.56
N PRO B 204 -9.05 17.45 -38.29
CA PRO B 204 -7.62 17.46 -38.55
C PRO B 204 -6.81 17.76 -37.27
N GLU B 205 -5.51 17.44 -37.28
CA GLU B 205 -4.54 17.76 -36.19
C GLU B 205 -4.36 19.27 -36.13
N ARG B 206 -4.62 19.86 -34.95
CA ARG B 206 -4.45 21.30 -34.64
C ARG B 206 -3.35 21.46 -33.60
N THR B 207 -2.95 22.71 -33.34
CA THR B 207 -2.04 23.08 -32.23
C THR B 207 -2.80 23.99 -31.25
N CYS B 208 -2.32 24.07 -30.01
CA CYS B 208 -2.87 24.86 -28.89
C CYS B 208 -2.86 26.35 -29.27
N CYS B 209 -3.88 27.11 -28.85
CA CYS B 209 -3.94 28.59 -29.03
C CYS B 209 -2.83 29.27 -28.21
N LEU B 210 -2.51 28.73 -27.02
CA LEU B 210 -1.59 29.34 -26.03
C LEU B 210 -0.16 28.76 -26.12
N CYS B 211 0.11 27.69 -26.86
CA CYS B 211 1.47 27.07 -26.97
C CYS B 211 1.62 26.24 -28.25
N ASP B 212 2.80 25.64 -28.45
CA ASP B 212 3.21 24.88 -29.68
C ASP B 212 2.71 23.43 -29.66
N ARG B 213 2.07 22.95 -28.59
CA ARG B 213 1.73 21.50 -28.42
C ARG B 213 0.52 21.17 -29.29
N ARG B 214 0.47 19.94 -29.81
CA ARG B 214 -0.74 19.23 -30.31
C ARG B 214 -1.95 19.59 -29.43
N ALA B 215 -3.07 19.99 -30.04
CA ALA B 215 -4.34 20.30 -29.34
C ALA B 215 -5.08 19.01 -28.97
N THR B 216 -5.47 18.89 -27.70
CA THR B 216 -6.16 17.72 -27.10
C THR B 216 -7.61 18.09 -26.74
N CYS B 217 -7.95 19.38 -26.73
CA CYS B 217 -9.26 19.93 -26.27
C CYS B 217 -9.80 20.95 -27.27
N PHE B 218 -11.11 21.18 -27.19
CA PHE B 218 -11.86 22.21 -27.95
C PHE B 218 -12.91 22.88 -27.05
N SER B 219 -13.02 24.21 -27.18
CA SER B 219 -14.03 25.08 -26.51
C SER B 219 -15.07 25.50 -27.55
N THR B 220 -16.36 25.22 -27.30
CA THR B 220 -17.50 25.63 -28.16
C THR B 220 -17.79 27.13 -27.97
N ALA B 221 -17.56 27.64 -26.75
CA ALA B 221 -17.73 29.06 -26.35
C ALA B 221 -16.89 30.00 -27.24
N SER B 222 -15.58 29.72 -27.35
CA SER B 222 -14.58 30.59 -28.02
C SER B 222 -14.16 30.02 -29.40
N ASP B 223 -14.56 28.79 -29.74
CA ASP B 223 -14.10 28.05 -30.96
C ASP B 223 -12.55 28.09 -31.01
N THR B 224 -11.91 27.67 -29.91
CA THR B 224 -10.43 27.57 -29.79
C THR B 224 -10.02 26.14 -29.39
N TYR B 225 -8.76 25.82 -29.68
CA TYR B 225 -8.11 24.51 -29.45
C TYR B 225 -7.05 24.66 -28.35
N ALA B 226 -7.01 23.74 -27.37
CA ALA B 226 -5.97 23.72 -26.31
C ALA B 226 -5.37 22.31 -26.13
N CYS B 227 -4.11 22.28 -25.69
CA CYS B 227 -3.38 21.12 -25.09
C CYS B 227 -3.90 20.87 -23.68
N TRP B 228 -3.37 19.86 -22.99
CA TRP B 228 -3.78 19.48 -21.59
C TRP B 228 -3.42 20.60 -20.60
N HIS B 229 -2.36 21.38 -20.86
CA HIS B 229 -1.86 22.41 -19.91
C HIS B 229 -2.76 23.66 -19.94
N HIS B 230 -3.39 23.96 -21.08
CA HIS B 230 -4.06 25.26 -21.37
C HIS B 230 -5.57 25.08 -21.56
N SER B 231 -6.17 24.07 -20.93
CA SER B 231 -7.53 23.54 -21.25
C SER B 231 -8.61 24.05 -20.30
N ILE B 232 -8.29 24.91 -19.32
CA ILE B 232 -9.29 25.31 -18.27
C ILE B 232 -10.48 25.98 -18.99
N GLY B 233 -11.70 25.51 -18.70
CA GLY B 233 -12.93 25.95 -19.37
C GLY B 233 -13.39 24.97 -20.44
N PHE B 234 -12.45 24.38 -21.20
CA PHE B 234 -12.74 23.64 -22.45
C PHE B 234 -13.65 22.45 -22.15
N ASP B 235 -14.61 22.21 -23.06
CA ASP B 235 -15.77 21.31 -22.83
C ASP B 235 -15.68 20.06 -23.72
N TYR B 236 -14.84 20.04 -24.77
CA TYR B 236 -14.75 18.89 -25.69
C TYR B 236 -13.31 18.35 -25.76
N VAL B 237 -13.21 17.02 -25.68
CA VAL B 237 -11.96 16.26 -25.96
C VAL B 237 -11.77 16.24 -27.48
N TYR B 238 -10.70 16.86 -27.98
CA TYR B 238 -10.38 16.91 -29.43
C TYR B 238 -9.42 15.76 -29.79
N ASN B 239 -9.78 15.00 -30.83
CA ASN B 239 -8.94 13.98 -31.51
C ASN B 239 -8.34 13.02 -30.49
N PRO B 240 -9.18 12.39 -29.62
CA PRO B 240 -8.71 11.30 -28.79
C PRO B 240 -8.43 10.10 -29.70
N PHE B 241 -7.47 9.26 -29.35
CA PHE B 241 -7.26 7.95 -30.00
C PHE B 241 -7.97 6.90 -29.13
N MET B 242 -8.18 5.71 -29.68
CA MET B 242 -8.76 4.57 -28.91
C MET B 242 -8.39 3.21 -29.52
N ILE B 243 -8.63 2.18 -28.73
CA ILE B 243 -8.36 0.76 -29.09
C ILE B 243 -9.40 -0.10 -28.37
N ASP B 244 -9.98 -1.07 -29.11
CA ASP B 244 -10.88 -2.11 -28.55
C ASP B 244 -10.01 -3.34 -28.29
N VAL B 245 -9.86 -3.73 -27.02
CA VAL B 245 -9.00 -4.86 -26.59
C VAL B 245 -9.57 -6.19 -27.15
N GLN B 246 -10.89 -6.30 -27.31
CA GLN B 246 -11.57 -7.50 -27.87
C GLN B 246 -11.05 -7.83 -29.27
N GLN B 247 -10.54 -6.84 -30.03
CA GLN B 247 -10.00 -7.00 -31.41
C GLN B 247 -8.64 -7.71 -31.39
N TRP B 248 -8.13 -8.12 -30.22
CA TRP B 248 -6.81 -8.78 -30.03
C TRP B 248 -6.95 -10.30 -29.95
N GLY B 249 -8.13 -10.83 -29.61
CA GLY B 249 -8.51 -12.25 -29.77
C GLY B 249 -8.98 -12.87 -28.46
N PHE B 250 -10.00 -12.29 -27.84
CA PHE B 250 -10.55 -12.75 -26.53
C PHE B 250 -11.93 -13.37 -26.74
N THR B 251 -12.05 -14.66 -26.41
CA THR B 251 -13.33 -15.39 -26.20
C THR B 251 -13.68 -15.28 -24.70
N GLY B 252 -14.82 -14.66 -24.38
CA GLY B 252 -15.35 -14.50 -23.01
C GLY B 252 -15.76 -13.08 -22.71
N ASN B 253 -16.14 -12.83 -21.47
CA ASN B 253 -16.39 -11.47 -20.91
C ASN B 253 -15.05 -10.87 -20.48
N LEU B 254 -15.01 -9.55 -20.29
CA LEU B 254 -13.88 -8.78 -19.69
C LEU B 254 -13.38 -9.50 -18.44
N GLN B 255 -14.26 -9.69 -17.45
CA GLN B 255 -13.95 -10.13 -16.07
C GLN B 255 -13.25 -11.50 -16.06
N SER B 256 -13.67 -12.44 -16.92
CA SER B 256 -13.08 -13.81 -16.97
C SER B 256 -11.62 -13.71 -17.42
N ASN B 257 -11.36 -12.97 -18.50
CA ASN B 257 -10.02 -12.79 -19.11
C ASN B 257 -9.12 -12.00 -18.16
N HIS B 258 -9.65 -10.95 -17.52
CA HIS B 258 -8.94 -10.09 -16.55
C HIS B 258 -8.46 -10.95 -15.37
N ASP B 259 -9.37 -11.75 -14.81
CA ASP B 259 -9.15 -12.47 -13.52
C ASP B 259 -8.14 -13.61 -13.72
N LEU B 260 -7.85 -14.00 -14.97
CA LEU B 260 -6.75 -14.97 -15.31
C LEU B 260 -5.42 -14.50 -14.70
N TYR B 261 -5.14 -13.20 -14.73
CA TYR B 261 -3.80 -12.61 -14.46
C TYR B 261 -3.82 -11.61 -13.29
N CYS B 262 -4.96 -11.36 -12.65
CA CYS B 262 -5.11 -10.25 -11.68
C CYS B 262 -6.24 -10.52 -10.69
N GLN B 263 -5.96 -10.47 -9.39
CA GLN B 263 -6.95 -10.65 -8.30
C GLN B 263 -6.97 -9.41 -7.38
N VAL B 264 -6.35 -8.30 -7.77
CA VAL B 264 -6.33 -7.04 -6.97
C VAL B 264 -7.53 -6.16 -7.38
N HIS B 265 -8.09 -6.36 -8.58
CA HIS B 265 -9.26 -5.61 -9.09
C HIS B 265 -10.51 -6.46 -8.97
N GLY B 266 -11.17 -6.40 -7.81
CA GLY B 266 -12.52 -6.94 -7.59
C GLY B 266 -13.54 -6.16 -8.41
N ASN B 267 -14.59 -6.85 -8.88
CA ASN B 267 -15.73 -6.23 -9.62
C ASN B 267 -16.67 -5.60 -8.58
N ALA B 268 -17.01 -4.32 -8.75
CA ALA B 268 -18.01 -3.57 -7.95
C ALA B 268 -19.15 -3.11 -8.88
N HIS B 269 -19.45 -3.89 -9.93
CA HIS B 269 -20.56 -3.74 -10.92
C HIS B 269 -20.82 -2.27 -11.32
N VAL B 270 -19.76 -1.46 -11.47
CA VAL B 270 -19.82 -0.03 -11.92
C VAL B 270 -18.89 0.14 -13.14
N ALA B 271 -18.97 1.30 -13.81
CA ALA B 271 -18.32 1.57 -15.12
C ALA B 271 -16.81 1.74 -14.94
N SER B 272 -16.39 2.43 -13.86
CA SER B 272 -14.96 2.63 -13.48
C SER B 272 -14.23 1.29 -13.38
N CYS B 273 -14.84 0.32 -12.69
CA CYS B 273 -14.26 -1.02 -12.41
C CYS B 273 -14.04 -1.80 -13.71
N ASP B 274 -14.84 -1.51 -14.74
CA ASP B 274 -14.69 -2.07 -16.11
C ASP B 274 -13.58 -1.32 -16.84
N ALA B 275 -13.49 0.00 -16.66
CA ALA B 275 -12.42 0.85 -17.22
C ALA B 275 -11.08 0.39 -16.65
N ILE B 276 -11.01 0.22 -15.32
CA ILE B 276 -9.78 -0.24 -14.59
C ILE B 276 -9.40 -1.64 -15.09
N MET B 277 -10.34 -2.59 -15.08
CA MET B 277 -10.12 -4.02 -15.44
C MET B 277 -9.59 -4.12 -16.88
N THR B 278 -10.20 -3.35 -17.80
CA THR B 278 -9.88 -3.34 -19.25
C THR B 278 -8.46 -2.83 -19.48
N ARG B 279 -8.09 -1.74 -18.81
CA ARG B 279 -6.73 -1.15 -18.91
C ARG B 279 -5.73 -2.14 -18.31
N CYS B 280 -6.05 -2.76 -17.17
CA CYS B 280 -5.21 -3.76 -16.46
C CYS B 280 -4.90 -4.93 -17.40
N LEU B 281 -5.92 -5.43 -18.08
CA LEU B 281 -5.83 -6.55 -19.06
C LEU B 281 -4.91 -6.15 -20.23
N ALA B 282 -5.10 -4.95 -20.79
CA ALA B 282 -4.29 -4.37 -21.89
C ALA B 282 -2.81 -4.29 -21.48
N VAL B 283 -2.57 -3.85 -20.25
CA VAL B 283 -1.20 -3.77 -19.67
C VAL B 283 -0.63 -5.19 -19.54
N HIS B 284 -1.43 -6.15 -19.08
CA HIS B 284 -0.97 -7.56 -18.94
C HIS B 284 -0.50 -8.09 -20.30
N GLU B 285 -1.27 -7.84 -21.36
CA GLU B 285 -1.06 -8.44 -22.70
C GLU B 285 0.04 -7.72 -23.47
N CYS B 286 0.44 -6.51 -23.07
CA CYS B 286 1.45 -5.70 -23.79
C CYS B 286 2.81 -5.69 -23.07
N PHE B 287 2.86 -5.81 -21.73
CA PHE B 287 4.06 -5.44 -20.94
C PHE B 287 4.55 -6.52 -19.98
N VAL B 288 3.71 -7.42 -19.48
CA VAL B 288 4.08 -8.32 -18.35
C VAL B 288 5.07 -9.39 -18.84
N LYS B 289 4.82 -9.98 -20.01
CA LYS B 289 5.60 -11.17 -20.50
C LYS B 289 7.09 -10.82 -20.65
N ARG B 290 7.40 -9.63 -21.15
CA ARG B 290 8.68 -9.33 -21.84
C ARG B 290 8.94 -7.81 -21.79
N VAL B 291 10.19 -7.41 -21.60
CA VAL B 291 10.66 -6.03 -21.91
C VAL B 291 10.86 -5.96 -23.42
N ASP B 292 10.38 -4.89 -24.04
CA ASP B 292 10.69 -4.57 -25.46
C ASP B 292 11.79 -3.50 -25.46
N TRP B 293 13.02 -3.94 -25.73
CA TRP B 293 14.24 -3.09 -25.75
C TRP B 293 14.25 -2.18 -26.99
N THR B 294 13.45 -2.48 -28.00
CA THR B 294 13.44 -1.76 -29.29
C THR B 294 12.65 -0.47 -29.11
N ILE B 295 11.70 -0.44 -28.16
CA ILE B 295 10.79 0.71 -27.89
C ILE B 295 11.32 1.55 -26.71
N GLU B 296 11.44 2.85 -26.95
CA GLU B 296 11.97 3.87 -26.03
C GLU B 296 10.91 4.95 -25.84
N TYR B 297 10.87 5.55 -24.65
CA TYR B 297 9.86 6.58 -24.25
C TYR B 297 10.58 7.88 -23.95
N PRO B 298 10.01 9.04 -24.34
CA PRO B 298 10.67 10.32 -24.09
C PRO B 298 10.88 10.60 -22.59
N ILE B 299 11.90 11.39 -22.29
CA ILE B 299 12.17 11.95 -20.94
C ILE B 299 11.01 12.89 -20.59
N ILE B 300 10.38 12.67 -19.43
CA ILE B 300 9.27 13.51 -18.88
C ILE B 300 9.57 13.94 -17.43
N GLY B 301 10.71 13.56 -16.84
CA GLY B 301 11.05 13.90 -15.45
C GLY B 301 12.55 13.87 -15.21
N ASP B 302 12.98 13.27 -14.09
CA ASP B 302 14.40 13.16 -13.65
C ASP B 302 15.06 11.85 -14.13
N GLU B 303 14.68 11.29 -15.28
CA GLU B 303 15.15 9.93 -15.70
C GLU B 303 16.68 9.86 -15.72
N LEU B 304 17.36 10.84 -16.31
CA LEU B 304 18.84 10.82 -16.50
C LEU B 304 19.57 10.81 -15.15
N LYS B 305 19.29 11.79 -14.29
CA LYS B 305 19.85 11.91 -12.93
C LYS B 305 19.56 10.62 -12.15
N ILE B 306 18.31 10.14 -12.16
CA ILE B 306 17.89 8.92 -11.41
C ILE B 306 18.76 7.73 -11.86
N ASN B 307 18.87 7.52 -13.16
CA ASN B 307 19.63 6.40 -13.79
C ASN B 307 21.12 6.53 -13.47
N ALA B 308 21.71 7.71 -13.68
CA ALA B 308 23.13 7.99 -13.34
C ALA B 308 23.39 7.62 -11.87
N ALA B 309 22.51 8.02 -10.96
CA ALA B 309 22.67 7.82 -9.51
C ALA B 309 22.59 6.33 -9.19
N CYS B 310 21.59 5.62 -9.71
CA CYS B 310 21.38 4.16 -9.55
C CYS B 310 22.62 3.38 -10.06
N ARG B 311 23.20 3.77 -11.19
CA ARG B 311 24.35 3.04 -11.79
C ARG B 311 25.61 3.27 -10.95
N LYS B 312 25.79 4.49 -10.41
CA LYS B 312 26.93 4.85 -9.51
C LYS B 312 26.84 4.01 -8.23
N VAL B 313 25.65 3.90 -7.65
CA VAL B 313 25.38 3.05 -6.46
C VAL B 313 25.63 1.58 -6.82
N GLN B 314 25.16 1.12 -7.96
CA GLN B 314 25.33 -0.31 -8.35
C GLN B 314 26.81 -0.69 -8.33
N HIS B 315 27.66 0.12 -8.95
CA HIS B 315 29.13 -0.06 -9.02
C HIS B 315 29.72 -0.14 -7.61
N MET B 316 29.42 0.86 -6.77
CA MET B 316 29.94 0.95 -5.38
C MET B 316 29.59 -0.33 -4.63
N VAL B 317 28.33 -0.75 -4.66
CA VAL B 317 27.83 -1.87 -3.83
C VAL B 317 28.42 -3.19 -4.32
N VAL B 318 28.51 -3.40 -5.62
CA VAL B 318 28.96 -4.69 -6.20
C VAL B 318 30.48 -4.78 -6.03
N LYS B 319 31.22 -3.72 -6.35
CA LYS B 319 32.68 -3.60 -6.06
C LYS B 319 32.94 -3.95 -4.59
N ALA B 320 32.31 -3.21 -3.68
CA ALA B 320 32.48 -3.36 -2.22
C ALA B 320 32.13 -4.78 -1.78
N ALA B 321 31.08 -5.40 -2.34
CA ALA B 321 30.70 -6.78 -1.97
C ALA B 321 31.82 -7.74 -2.41
N LEU B 322 32.31 -7.58 -3.64
CA LEU B 322 33.42 -8.42 -4.18
C LEU B 322 34.71 -8.26 -3.34
N LEU B 323 35.05 -7.06 -2.87
CA LEU B 323 36.27 -6.82 -2.05
C LEU B 323 36.09 -7.39 -0.64
N ALA B 324 34.91 -7.25 -0.04
CA ALA B 324 34.64 -7.61 1.36
C ALA B 324 34.63 -9.14 1.54
N ASP B 325 34.05 -9.88 0.60
CA ASP B 325 33.78 -11.33 0.77
C ASP B 325 34.50 -12.19 -0.28
N LYS B 326 35.09 -11.59 -1.31
CA LYS B 326 36.04 -12.27 -2.25
C LYS B 326 35.34 -13.47 -2.90
N PHE B 327 34.08 -13.28 -3.33
CA PHE B 327 33.29 -14.32 -4.04
C PHE B 327 34.02 -14.68 -5.34
N PRO B 328 34.26 -15.98 -5.63
CA PRO B 328 34.94 -16.36 -6.86
C PRO B 328 34.06 -16.25 -8.12
N VAL B 329 32.74 -16.29 -7.96
CA VAL B 329 31.76 -16.21 -9.10
C VAL B 329 30.60 -15.26 -8.71
N LEU B 330 30.20 -14.41 -9.67
CA LEU B 330 28.99 -13.57 -9.59
C LEU B 330 28.00 -14.07 -10.64
N HIS B 331 26.81 -14.49 -10.19
CA HIS B 331 25.65 -14.87 -11.04
C HIS B 331 24.78 -13.62 -11.23
N ASP B 332 24.82 -13.02 -12.41
CA ASP B 332 24.09 -11.77 -12.72
C ASP B 332 22.76 -12.21 -13.32
N ILE B 333 21.74 -12.35 -12.47
CA ILE B 333 20.42 -12.91 -12.89
C ILE B 333 19.54 -11.72 -13.31
N GLY B 334 19.09 -11.75 -14.57
CA GLY B 334 18.32 -10.67 -15.22
C GLY B 334 19.23 -9.63 -15.83
N ASN B 335 20.35 -10.07 -16.44
CA ASN B 335 21.21 -9.19 -17.30
C ASN B 335 21.10 -9.68 -18.75
N PRO B 336 20.19 -9.07 -19.55
CA PRO B 336 20.00 -9.48 -20.94
C PRO B 336 21.02 -8.94 -21.96
N LYS B 337 21.98 -8.11 -21.54
CA LYS B 337 22.92 -7.41 -22.47
C LYS B 337 24.38 -7.76 -22.15
N ALA B 338 24.65 -8.53 -21.10
CA ALA B 338 25.98 -9.10 -20.79
C ALA B 338 27.01 -7.99 -20.49
N ILE B 339 26.59 -6.92 -19.81
CA ILE B 339 27.44 -5.77 -19.39
C ILE B 339 27.67 -5.89 -17.88
N LYS B 340 28.95 -5.90 -17.47
CA LYS B 340 29.33 -5.95 -16.04
C LYS B 340 29.23 -4.52 -15.48
N CYS B 341 28.72 -4.36 -14.25
CA CYS B 341 28.67 -3.05 -13.56
C CYS B 341 30.06 -2.72 -12.98
N VAL B 342 30.87 -3.74 -12.71
CA VAL B 342 32.31 -3.62 -12.31
C VAL B 342 33.16 -4.38 -13.33
N PRO B 343 33.49 -3.78 -14.50
CA PRO B 343 34.23 -4.47 -15.56
C PRO B 343 35.64 -4.95 -15.20
N GLN B 344 36.29 -4.28 -14.23
CA GLN B 344 37.70 -4.53 -13.83
C GLN B 344 37.76 -5.50 -12.65
N ALA B 345 36.65 -6.08 -12.22
CA ALA B 345 36.62 -6.98 -11.04
C ALA B 345 37.26 -8.31 -11.42
N ASP B 346 38.07 -8.87 -10.53
CA ASP B 346 38.65 -10.23 -10.66
C ASP B 346 37.58 -11.19 -10.15
N VAL B 347 36.72 -11.70 -11.03
CA VAL B 347 35.62 -12.64 -10.67
C VAL B 347 35.12 -13.32 -11.94
N GLU B 348 34.68 -14.58 -11.85
CA GLU B 348 33.91 -15.21 -12.95
C GLU B 348 32.53 -14.53 -12.95
N TRP B 349 32.22 -13.78 -14.00
CA TRP B 349 30.95 -13.03 -14.16
C TRP B 349 30.04 -13.80 -15.10
N LYS B 350 29.09 -14.58 -14.56
CA LYS B 350 28.11 -15.35 -15.35
C LYS B 350 26.83 -14.53 -15.47
N PHE B 351 26.21 -14.52 -16.67
CA PHE B 351 24.98 -13.78 -17.00
C PHE B 351 23.81 -14.75 -17.20
N TYR B 352 22.62 -14.31 -16.83
CA TYR B 352 21.35 -15.05 -16.98
C TYR B 352 20.21 -14.06 -17.23
N ASP B 353 19.21 -14.47 -18.01
CA ASP B 353 17.98 -13.69 -18.26
C ASP B 353 16.93 -14.65 -18.80
N ALA B 354 15.66 -14.33 -18.57
CA ALA B 354 14.50 -15.03 -19.17
C ALA B 354 14.43 -14.73 -20.66
N GLN B 355 14.96 -13.58 -21.12
CA GLN B 355 14.81 -13.06 -22.50
C GLN B 355 16.11 -12.35 -22.90
N PRO B 356 17.19 -13.12 -23.19
CA PRO B 356 18.45 -12.52 -23.58
C PRO B 356 18.29 -11.77 -24.92
N CYS B 357 18.96 -10.63 -25.04
CA CYS B 357 19.08 -9.88 -26.32
C CYS B 357 19.90 -10.74 -27.28
N SER B 358 19.45 -10.87 -28.52
CA SER B 358 19.97 -11.79 -29.56
C SER B 358 21.49 -11.60 -29.76
N ASP B 359 21.93 -10.35 -29.91
CA ASP B 359 23.35 -9.97 -30.18
C ASP B 359 24.28 -10.43 -29.03
N LYS B 360 23.74 -10.78 -27.84
CA LYS B 360 24.55 -11.16 -26.66
C LYS B 360 24.18 -12.55 -26.12
N ALA B 361 23.25 -13.27 -26.76
CA ALA B 361 22.70 -14.55 -26.25
C ALA B 361 23.83 -15.56 -25.98
N TYR B 362 24.92 -15.53 -26.78
CA TYR B 362 26.13 -16.39 -26.64
C TYR B 362 26.82 -16.24 -25.26
N LYS B 363 26.62 -15.13 -24.54
CA LYS B 363 27.25 -14.85 -23.22
C LYS B 363 26.25 -15.06 -22.06
N ILE B 364 24.96 -15.26 -22.37
CA ILE B 364 23.84 -15.22 -21.40
C ILE B 364 23.05 -16.54 -21.46
N GLU B 365 22.95 -17.25 -20.34
CA GLU B 365 22.07 -18.43 -20.16
C GLU B 365 20.61 -17.97 -20.09
N GLU B 366 19.74 -18.54 -20.94
CA GLU B 366 18.27 -18.37 -20.85
C GLU B 366 17.79 -19.07 -19.58
N LEU B 367 17.14 -18.36 -18.68
CA LEU B 367 16.66 -18.92 -17.38
C LEU B 367 15.57 -18.04 -16.77
N PHE B 368 14.46 -18.64 -16.34
CA PHE B 368 13.41 -17.99 -15.51
C PHE B 368 13.67 -18.40 -14.06
N TYR B 369 14.20 -17.48 -13.24
CA TYR B 369 14.50 -17.76 -11.82
C TYR B 369 13.20 -17.76 -11.04
N SER B 370 12.95 -18.85 -10.34
CA SER B 370 11.93 -18.97 -9.26
C SER B 370 12.61 -19.67 -8.09
N TYR B 371 12.30 -19.28 -6.86
CA TYR B 371 12.88 -19.86 -5.63
C TYR B 371 12.56 -21.35 -5.56
N ALA B 372 11.32 -21.75 -5.88
CA ALA B 372 10.85 -23.16 -5.82
C ALA B 372 11.64 -24.03 -6.82
N THR B 373 12.05 -23.49 -7.98
CA THR B 373 12.78 -24.25 -9.04
C THR B 373 14.29 -24.10 -8.92
N HIS B 374 14.84 -23.08 -8.24
CA HIS B 374 16.30 -22.77 -8.26
C HIS B 374 16.93 -22.51 -6.89
N SER B 375 16.23 -22.60 -5.75
CA SER B 375 16.78 -22.32 -4.39
C SER B 375 17.96 -23.26 -4.08
N ASP B 376 17.95 -24.46 -4.67
CA ASP B 376 19.05 -25.46 -4.61
C ASP B 376 20.26 -25.02 -5.44
N LYS B 377 20.11 -24.05 -6.36
CA LYS B 377 21.15 -23.68 -7.36
C LYS B 377 21.86 -22.38 -6.96
N PHE B 378 22.89 -21.98 -7.72
CA PHE B 378 23.71 -20.76 -7.54
C PHE B 378 24.27 -20.69 -6.10
N THR B 379 24.66 -21.84 -5.54
CA THR B 379 25.12 -21.97 -4.13
C THR B 379 26.53 -21.39 -3.98
N ASP B 380 27.35 -21.42 -5.05
CA ASP B 380 28.70 -20.81 -5.05
C ASP B 380 28.59 -19.29 -5.26
N GLY B 381 29.48 -18.53 -4.62
CA GLY B 381 29.59 -17.08 -4.83
C GLY B 381 28.32 -16.33 -4.48
N VAL B 382 28.06 -15.23 -5.17
CA VAL B 382 26.93 -14.30 -4.89
C VAL B 382 26.09 -14.12 -6.16
N CYS B 383 24.77 -14.00 -6.00
CA CYS B 383 23.80 -13.64 -7.07
C CYS B 383 23.52 -12.13 -7.04
N LEU B 384 23.54 -11.49 -8.22
CA LEU B 384 23.11 -10.09 -8.40
C LEU B 384 21.74 -10.08 -9.11
N PHE B 385 20.74 -9.58 -8.39
CA PHE B 385 19.40 -9.23 -8.93
C PHE B 385 19.29 -7.71 -8.93
N TRP B 386 19.81 -7.08 -9.98
CA TRP B 386 19.67 -5.62 -10.16
C TRP B 386 18.36 -5.36 -10.92
N ASN B 387 17.27 -5.19 -10.15
CA ASN B 387 15.88 -4.97 -10.65
C ASN B 387 15.44 -6.19 -11.48
N CYS B 388 15.81 -7.38 -11.01
CA CYS B 388 15.25 -8.67 -11.46
C CYS B 388 14.30 -9.18 -10.38
N ASN B 389 13.01 -8.92 -10.55
CA ASN B 389 11.99 -8.93 -9.47
C ASN B 389 11.38 -10.33 -9.38
N VAL B 390 12.11 -11.25 -8.78
CA VAL B 390 11.68 -12.67 -8.59
C VAL B 390 10.82 -12.76 -7.32
N ASP B 391 10.12 -13.89 -7.17
CA ASP B 391 9.20 -14.22 -6.05
C ASP B 391 9.93 -14.16 -4.69
N ARG B 392 11.10 -14.79 -4.58
CA ARG B 392 11.89 -14.84 -3.33
C ARG B 392 13.37 -14.97 -3.70
N TYR B 393 14.21 -14.14 -3.08
CA TYR B 393 15.68 -14.07 -3.32
C TYR B 393 16.39 -15.07 -2.42
N PRO B 394 17.41 -15.78 -2.94
CA PRO B 394 18.24 -16.64 -2.12
C PRO B 394 19.13 -15.80 -1.20
N ALA B 395 19.65 -16.45 -0.15
CA ALA B 395 20.45 -15.86 0.94
C ALA B 395 21.74 -15.21 0.41
N ASN B 396 22.30 -15.71 -0.70
CA ASN B 396 23.60 -15.22 -1.25
C ASN B 396 23.35 -14.16 -2.35
N SER B 397 22.56 -13.13 -2.05
CA SER B 397 22.10 -12.13 -3.05
C SER B 397 22.50 -10.70 -2.68
N ILE B 398 22.82 -9.92 -3.71
CA ILE B 398 22.75 -8.43 -3.72
C ILE B 398 21.51 -8.09 -4.54
N VAL B 399 20.61 -7.27 -4.01
CA VAL B 399 19.32 -6.94 -4.68
C VAL B 399 19.09 -5.43 -4.70
N CYS B 400 18.68 -4.92 -5.86
CA CYS B 400 17.95 -3.64 -6.02
C CYS B 400 16.55 -3.97 -6.52
N ARG B 401 15.53 -3.39 -5.88
CA ARG B 401 14.10 -3.57 -6.24
C ARG B 401 13.38 -2.25 -6.10
N PHE B 402 12.51 -1.94 -7.07
CA PHE B 402 11.66 -0.74 -7.12
C PHE B 402 10.36 -1.01 -6.36
N ASP B 403 9.95 -0.03 -5.56
CA ASP B 403 8.69 -0.09 -4.79
C ASP B 403 7.57 0.45 -5.69
N THR B 404 6.66 -0.43 -6.07
CA THR B 404 5.52 -0.21 -7.00
C THR B 404 4.51 0.78 -6.42
N ARG B 405 4.52 0.99 -5.10
CA ARG B 405 3.57 1.88 -4.35
C ARG B 405 4.01 3.35 -4.45
N VAL B 406 5.24 3.63 -4.88
CA VAL B 406 5.80 5.01 -4.98
C VAL B 406 5.07 5.79 -6.07
N LEU B 407 4.56 6.98 -5.73
CA LEU B 407 3.83 7.90 -6.65
C LEU B 407 4.86 8.67 -7.47
N SER B 408 4.72 8.68 -8.79
CA SER B 408 5.67 9.31 -9.74
C SER B 408 5.01 9.39 -11.12
N ASN B 409 5.36 10.39 -11.91
CA ASN B 409 4.95 10.46 -13.34
C ASN B 409 5.60 9.32 -14.12
N LEU B 410 6.71 8.72 -13.63
CA LEU B 410 7.33 7.53 -14.29
C LEU B 410 6.56 6.24 -14.00
N ASN B 411 5.78 6.16 -12.91
CA ASN B 411 5.20 4.89 -12.42
C ASN B 411 3.67 4.90 -12.61
N LEU B 412 3.18 4.08 -13.54
CA LEU B 412 1.76 3.99 -13.97
C LEU B 412 1.12 2.79 -13.26
N PRO B 413 -0.21 2.79 -13.03
CA PRO B 413 -0.88 1.61 -12.48
C PRO B 413 -0.60 0.41 -13.40
N GLY B 414 -0.39 -0.77 -12.83
CA GLY B 414 -0.09 -2.00 -13.59
C GLY B 414 -1.06 -3.11 -13.27
N CYS B 415 -0.67 -4.33 -13.61
CA CYS B 415 -1.43 -5.58 -13.42
C CYS B 415 -1.08 -6.19 -12.04
N ASP B 416 -2.11 -6.54 -11.25
CA ASP B 416 -2.06 -7.54 -10.15
C ASP B 416 -1.35 -6.96 -8.93
N GLY B 417 -1.65 -5.70 -8.59
CA GLY B 417 -0.94 -4.90 -7.56
C GLY B 417 0.43 -4.42 -8.02
N GLY B 418 0.85 -4.78 -9.24
CA GLY B 418 2.09 -4.31 -9.86
C GLY B 418 1.97 -2.89 -10.40
N SER B 419 3.06 -2.41 -10.98
CA SER B 419 3.13 -1.08 -11.62
C SER B 419 3.95 -1.17 -12.90
N LEU B 420 3.65 -0.30 -13.85
CA LEU B 420 4.42 -0.15 -15.10
C LEU B 420 5.32 1.09 -14.95
N TYR B 421 6.60 0.86 -14.66
CA TYR B 421 7.65 1.89 -14.49
C TYR B 421 8.20 2.22 -15.88
N VAL B 422 7.78 3.36 -16.44
CA VAL B 422 8.25 3.78 -17.80
C VAL B 422 9.35 4.83 -17.61
N ASN B 423 10.57 4.40 -17.89
CA ASN B 423 11.79 5.19 -17.71
C ASN B 423 12.76 4.68 -18.77
N LYS B 424 12.87 5.39 -19.88
CA LYS B 424 13.59 4.96 -21.11
C LYS B 424 12.80 3.82 -21.76
N HIS B 425 12.59 2.72 -21.07
CA HIS B 425 11.79 1.56 -21.53
C HIS B 425 10.63 1.33 -20.57
N ALA B 426 9.72 0.41 -20.91
CA ALA B 426 8.52 0.09 -20.08
C ALA B 426 8.78 -1.21 -19.33
N PHE B 427 8.85 -1.11 -18.01
CA PHE B 427 9.25 -2.20 -17.09
C PHE B 427 8.06 -2.56 -16.21
N HIS B 428 7.36 -3.64 -16.54
CA HIS B 428 6.28 -4.12 -15.65
C HIS B 428 6.92 -4.73 -14.41
N THR B 429 6.48 -4.28 -13.23
CA THR B 429 7.07 -4.64 -11.92
C THR B 429 6.00 -5.33 -11.09
N PRO B 430 6.22 -6.57 -10.60
CA PRO B 430 5.30 -7.16 -9.63
C PRO B 430 5.26 -6.33 -8.34
N ALA B 431 4.10 -6.34 -7.68
CA ALA B 431 3.83 -5.75 -6.35
C ALA B 431 5.03 -5.93 -5.44
N PHE B 432 5.45 -4.87 -4.78
CA PHE B 432 6.46 -4.90 -3.70
C PHE B 432 5.94 -5.75 -2.54
N ASP B 433 6.67 -6.82 -2.22
CA ASP B 433 6.30 -7.86 -1.21
C ASP B 433 7.52 -8.11 -0.31
N LYS B 434 7.43 -7.70 0.97
CA LYS B 434 8.49 -7.86 2.01
C LYS B 434 8.90 -9.33 2.18
N SER B 435 7.99 -10.29 1.96
CA SER B 435 8.28 -11.74 2.06
C SER B 435 9.34 -12.20 1.03
N ALA B 436 9.59 -11.43 -0.03
CA ALA B 436 10.67 -11.73 -1.02
C ALA B 436 12.05 -11.55 -0.36
N PHE B 437 12.18 -10.70 0.66
CA PHE B 437 13.47 -10.30 1.26
C PHE B 437 13.77 -11.07 2.56
N VAL B 438 13.10 -12.21 2.78
CA VAL B 438 13.12 -12.96 4.08
C VAL B 438 14.53 -13.49 4.37
N ASN B 439 15.29 -13.89 3.33
CA ASN B 439 16.67 -14.46 3.44
C ASN B 439 17.75 -13.37 3.45
N LEU B 440 17.39 -12.07 3.41
CA LEU B 440 18.33 -10.94 3.23
C LEU B 440 18.08 -9.89 4.31
N LYS B 441 18.97 -8.92 4.43
CA LYS B 441 18.77 -7.71 5.27
C LYS B 441 18.91 -6.48 4.39
N GLN B 442 18.45 -5.35 4.90
CA GLN B 442 18.61 -4.04 4.27
C GLN B 442 20.11 -3.68 4.23
N LEU B 443 20.57 -3.13 3.11
CA LEU B 443 21.98 -2.73 2.91
C LEU B 443 22.18 -1.39 3.60
N PRO B 444 23.03 -1.30 4.65
CA PRO B 444 23.31 -0.01 5.27
C PRO B 444 24.07 0.89 4.29
N PHE B 445 23.85 2.20 4.39
CA PHE B 445 24.63 3.22 3.64
C PHE B 445 26.09 3.15 4.09
N PHE B 446 27.00 3.24 3.11
CA PHE B 446 28.45 3.47 3.29
C PHE B 446 29.02 4.02 1.98
N TYR B 447 30.17 4.69 2.07
CA TYR B 447 31.04 5.07 0.94
C TYR B 447 32.38 4.34 1.13
N TYR B 448 32.84 3.59 0.12
CA TYR B 448 34.16 2.91 0.07
C TYR B 448 34.97 3.45 -1.10
N SER B 449 36.25 3.73 -0.87
CA SER B 449 37.23 4.09 -1.92
C SER B 449 38.62 3.55 -1.56
N ASP B 450 39.14 2.66 -2.40
CA ASP B 450 40.54 2.15 -2.36
C ASP B 450 41.46 3.09 -3.15
N SER B 451 40.88 4.06 -3.89
CA SER B 451 41.62 4.95 -4.81
C SER B 451 42.59 5.86 -4.03
N PRO B 452 43.62 6.43 -4.70
CA PRO B 452 44.59 7.29 -4.01
C PRO B 452 43.95 8.52 -3.37
N CYS B 453 44.46 8.93 -2.21
CA CYS B 453 44.07 10.16 -1.48
C CYS B 453 44.72 11.36 -2.19
N GLU B 454 43.92 12.34 -2.63
CA GLU B 454 44.36 13.56 -3.37
C GLU B 454 43.93 14.80 -2.55
N SER B 455 44.68 15.13 -1.50
CA SER B 455 44.41 16.26 -0.59
C SER B 455 44.99 17.56 -1.19
N HIS B 456 44.25 18.16 -2.13
CA HIS B 456 44.52 19.49 -2.77
C HIS B 456 43.39 19.85 -3.73
N VAL B 467 34.96 22.73 5.85
CA VAL B 467 34.14 21.87 6.76
C VAL B 467 34.76 20.47 6.81
N PRO B 468 35.12 19.93 8.01
CA PRO B 468 35.71 18.59 8.11
C PRO B 468 34.66 17.48 8.22
N LEU B 469 34.84 16.38 7.47
CA LEU B 469 33.90 15.24 7.42
C LEU B 469 34.17 14.31 8.61
N LYS B 470 33.18 14.14 9.50
CA LYS B 470 33.27 13.26 10.69
C LYS B 470 32.17 12.19 10.58
N SER B 471 32.43 11.12 9.83
CA SER B 471 31.45 10.03 9.54
C SER B 471 32.10 8.64 9.64
N ALA B 472 31.44 7.73 10.33
CA ALA B 472 31.84 6.30 10.41
C ALA B 472 31.52 5.57 9.10
N THR B 473 30.78 6.20 8.18
CA THR B 473 30.29 5.62 6.90
C THR B 473 31.23 5.95 5.73
N CYS B 474 32.23 6.83 5.94
CA CYS B 474 33.29 7.14 4.94
C CYS B 474 34.46 6.18 5.13
N ILE B 475 34.48 5.08 4.36
CA ILE B 475 35.49 3.98 4.45
C ILE B 475 36.59 4.25 3.41
N THR B 476 37.64 4.94 3.85
CA THR B 476 38.81 5.39 3.05
C THR B 476 40.06 5.35 3.95
N ARG B 477 41.28 5.33 3.38
CA ARG B 477 42.55 5.30 4.16
C ARG B 477 42.68 6.57 5.00
N CYS B 478 42.48 7.72 4.37
CA CYS B 478 41.92 9.00 4.90
C CYS B 478 41.39 8.92 6.34
N ASN B 479 40.41 8.04 6.59
CA ASN B 479 39.48 8.11 7.74
C ASN B 479 39.91 7.13 8.85
N LEU B 480 41.05 6.46 8.68
CA LEU B 480 41.79 5.78 9.78
C LEU B 480 42.43 6.88 10.65
N GLY B 481 43.10 7.85 10.02
CA GLY B 481 43.63 9.07 10.67
C GLY B 481 42.53 9.86 11.35
N GLY B 482 41.34 9.91 10.76
CA GLY B 482 40.21 10.76 11.19
C GLY B 482 40.25 12.12 10.51
N ALA B 483 41.28 12.39 9.68
CA ALA B 483 41.42 13.58 8.82
C ALA B 483 41.18 13.19 7.34
N VAL B 484 39.97 13.42 6.84
CA VAL B 484 39.51 12.97 5.48
C VAL B 484 40.06 13.97 4.46
N CYS B 485 40.67 13.48 3.37
CA CYS B 485 41.26 14.28 2.27
C CYS B 485 40.14 14.95 1.46
N ARG B 486 40.46 16.00 0.70
CA ARG B 486 39.45 16.86 0.03
C ARG B 486 38.81 16.10 -1.15
N HIS B 487 39.55 15.23 -1.83
CA HIS B 487 39.02 14.32 -2.89
C HIS B 487 37.92 13.41 -2.32
N HIS B 488 38.25 12.58 -1.33
CA HIS B 488 37.34 11.58 -0.73
C HIS B 488 36.15 12.26 -0.03
N ALA B 489 36.35 13.43 0.60
CA ALA B 489 35.26 14.19 1.26
C ALA B 489 34.25 14.67 0.20
N ASN B 490 34.74 15.08 -0.97
CA ASN B 490 33.90 15.57 -2.09
C ASN B 490 33.16 14.38 -2.73
N GLU B 491 33.90 13.30 -3.03
CA GLU B 491 33.34 12.05 -3.62
C GLU B 491 32.30 11.45 -2.66
N TYR B 492 32.52 11.53 -1.35
CA TYR B 492 31.56 11.10 -0.30
C TYR B 492 30.24 11.87 -0.45
N ARG B 493 30.32 13.18 -0.65
CA ARG B 493 29.14 14.06 -0.72
C ARG B 493 28.37 13.80 -2.03
N LEU B 494 29.06 13.57 -3.15
CA LEU B 494 28.41 13.31 -4.46
C LEU B 494 27.72 11.94 -4.41
N TYR B 495 28.31 10.99 -3.68
CA TYR B 495 27.77 9.61 -3.52
C TYR B 495 26.54 9.65 -2.60
N LEU B 496 26.63 10.36 -1.48
CA LEU B 496 25.46 10.52 -0.58
C LEU B 496 24.32 11.16 -1.37
N ASP B 497 24.60 12.17 -2.20
CA ASP B 497 23.57 12.82 -3.06
C ASP B 497 22.95 11.77 -3.98
N ALA B 498 23.76 10.91 -4.61
CA ALA B 498 23.34 9.83 -5.52
C ALA B 498 22.48 8.80 -4.78
N TYR B 499 22.91 8.36 -3.59
CA TYR B 499 22.18 7.35 -2.78
C TYR B 499 20.82 7.93 -2.40
N ASN B 500 20.77 9.15 -1.88
CA ASN B 500 19.50 9.82 -1.49
C ASN B 500 18.56 9.92 -2.71
N MET B 501 19.10 10.22 -3.89
CA MET B 501 18.27 10.36 -5.11
C MET B 501 17.64 8.99 -5.47
N MET B 502 18.41 7.92 -5.35
CA MET B 502 17.98 6.54 -5.63
C MET B 502 16.88 6.11 -4.66
N ILE B 503 16.98 6.46 -3.38
CA ILE B 503 15.94 6.17 -2.35
C ILE B 503 14.66 6.94 -2.68
N SER B 504 14.77 8.24 -2.95
CA SER B 504 13.65 9.16 -3.33
C SER B 504 12.87 8.59 -4.51
N ALA B 505 13.57 8.02 -5.48
CA ALA B 505 13.03 7.51 -6.76
C ALA B 505 12.31 6.16 -6.56
N GLY B 506 12.44 5.53 -5.38
CA GLY B 506 11.64 4.37 -4.94
C GLY B 506 12.37 3.03 -5.03
N PHE B 507 13.71 3.04 -5.06
CA PHE B 507 14.57 1.84 -5.11
C PHE B 507 15.11 1.56 -3.70
N SER B 508 15.22 0.27 -3.36
CA SER B 508 15.78 -0.18 -2.06
C SER B 508 16.79 -1.28 -2.33
N LEU B 509 17.69 -1.47 -1.37
CA LEU B 509 18.90 -2.30 -1.49
C LEU B 509 18.95 -3.30 -0.34
N TRP B 510 19.15 -4.56 -0.70
CA TRP B 510 19.12 -5.74 0.19
C TRP B 510 20.39 -6.54 -0.10
N VAL B 511 20.95 -7.18 0.92
CA VAL B 511 22.25 -7.90 0.84
C VAL B 511 22.16 -9.15 1.69
N TYR B 512 22.95 -10.16 1.34
CA TYR B 512 23.23 -11.35 2.18
C TYR B 512 23.55 -10.92 3.63
N LYS B 513 22.99 -11.64 4.61
CA LYS B 513 23.04 -11.28 6.06
C LYS B 513 24.46 -11.21 6.62
N GLN B 514 25.46 -11.86 6.01
CA GLN B 514 26.86 -11.89 6.52
C GLN B 514 27.58 -10.61 6.07
N PHE B 515 27.00 -9.78 5.18
CA PHE B 515 27.63 -8.52 4.71
C PHE B 515 27.87 -7.61 5.91
N ASP B 516 29.07 -7.05 6.00
CA ASP B 516 29.49 -6.15 7.10
C ASP B 516 30.62 -5.27 6.57
N THR B 517 30.65 -3.99 6.94
CA THR B 517 31.68 -3.03 6.49
C THR B 517 33.03 -3.33 7.18
N TYR B 518 33.03 -4.12 8.27
CA TYR B 518 34.25 -4.69 8.91
C TYR B 518 35.24 -5.16 7.84
N ASN B 519 34.77 -6.00 6.92
CA ASN B 519 35.62 -6.63 5.88
C ASN B 519 36.06 -5.62 4.82
N LEU B 520 35.51 -4.40 4.80
CA LEU B 520 35.99 -3.30 3.91
C LEU B 520 37.05 -2.48 4.65
N TRP B 521 36.91 -2.28 5.96
CA TRP B 521 37.92 -1.57 6.79
C TRP B 521 39.26 -2.32 6.71
N ASN B 522 39.22 -3.65 6.83
CA ASN B 522 40.36 -4.61 6.69
C ASN B 522 41.19 -4.33 5.43
N THR B 523 40.54 -4.12 4.29
CA THR B 523 41.19 -4.04 2.95
C THR B 523 42.37 -3.06 2.95
N PHE B 524 42.44 -2.11 3.90
CA PHE B 524 43.52 -1.09 4.02
C PHE B 524 44.68 -1.63 4.87
#